data_2EH6
#
_entry.id   2EH6
#
_cell.length_a   101.094
_cell.length_b   124.700
_cell.length_c   131.614
_cell.angle_alpha   90.00
_cell.angle_beta   90.00
_cell.angle_gamma   90.00
#
_symmetry.space_group_name_H-M   'I 2 2 2'
#
loop_
_entity.id
_entity.type
_entity.pdbx_description
1 polymer 'Acetylornithine aminotransferase'
2 non-polymer "PYRIDOXAL-5'-PHOSPHATE"
3 water water
#
_entity_poly.entity_id   1
_entity_poly.type   'polypeptide(L)'
_entity_poly.pdbx_seq_one_letter_code
;TYLMNNYARLPVKFVRGKGVYLYDEEGKEYLDFVSGIGVNSLGHAYPKLTEALKEQVEKLLHVSNLYENPWQEELAHKLV
KHFWTEGKVFFANSGTESVEAAIKLARKYWRDKGKNKWKFISFENSFHGRTYGSLSATGQPKFHKGFEPLVPGFSYAKLN
DIDSVYKLLDEETAGIIIEVIQGEGGVNEASEDFLSKLQEICKEKDVLLIIDEVQTGIGRTGEFYAYQHFNLKPDVIALA
KGLGGGVPIGAILAREEVAQSFTPGSHGSTFGGNPLACRAGTVVVDEVEKLLPHVREVGNYFKEKLKELGKGKVKGRGLM
LGLELERECKDYVLKALEKGLLINCTAGKVLRFLPPLIIQKEHIDRAISVLREIL
;
_entity_poly.pdbx_strand_id   A,B
#
# COMPACT_ATOMS: atom_id res chain seq x y z
N THR A 1 19.01 0.67 16.86
CA THR A 1 18.19 0.98 15.70
C THR A 1 16.77 1.41 16.10
N TYR A 2 16.15 2.20 15.21
CA TYR A 2 14.78 2.67 15.42
C TYR A 2 13.77 1.87 14.60
N LEU A 3 14.30 0.88 13.84
CA LEU A 3 13.43 0.08 12.98
C LEU A 3 13.19 -1.32 13.57
N MET A 4 12.02 -1.88 13.26
CA MET A 4 11.71 -3.22 13.75
C MET A 4 12.64 -4.18 13.03
N ASN A 5 12.87 -5.34 13.64
CA ASN A 5 13.77 -6.35 13.10
C ASN A 5 13.11 -7.43 12.21
N ASN A 6 12.16 -7.03 11.39
CA ASN A 6 11.46 -7.99 10.52
C ASN A 6 12.20 -8.33 9.23
N TYR A 7 13.33 -7.67 8.97
CA TYR A 7 14.09 -7.93 7.75
C TYR A 7 15.47 -8.51 8.04
N ALA A 8 16.03 -9.19 7.04
CA ALA A 8 17.37 -9.76 7.11
C ALA A 8 18.11 -8.95 6.04
N ARG A 9 18.47 -7.72 6.38
CA ARG A 9 19.14 -6.81 5.46
C ARG A 9 20.63 -7.08 5.25
N LEU A 10 21.09 -6.94 4.00
CA LEU A 10 22.51 -7.11 3.68
C LEU A 10 23.16 -5.82 4.18
N PRO A 11 24.40 -5.91 4.69
CA PRO A 11 25.08 -4.72 5.18
C PRO A 11 25.66 -3.78 4.14
N VAL A 12 24.79 -3.21 3.30
CA VAL A 12 25.23 -2.26 2.27
C VAL A 12 24.24 -1.12 2.24
N LYS A 13 24.76 0.11 2.24
CA LYS A 13 23.93 1.31 2.24
C LYS A 13 24.04 2.07 0.93
N PHE A 14 23.03 1.93 0.08
CA PHE A 14 23.04 2.62 -1.21
C PHE A 14 22.61 4.07 -1.01
N VAL A 15 23.11 4.96 -1.86
CA VAL A 15 22.75 6.36 -1.74
C VAL A 15 22.34 6.97 -3.06
N ARG A 16 22.80 6.37 -4.16
CA ARG A 16 22.49 6.87 -5.48
C ARG A 16 22.58 5.81 -6.55
N GLY A 17 21.82 5.99 -7.62
CA GLY A 17 21.86 5.04 -8.70
C GLY A 17 21.95 5.74 -10.04
N LYS A 18 22.54 5.07 -11.02
CA LYS A 18 22.67 5.61 -12.36
C LYS A 18 22.65 4.46 -13.34
N GLY A 19 21.60 4.41 -14.16
CA GLY A 19 21.49 3.32 -15.13
C GLY A 19 21.27 2.00 -14.42
N VAL A 20 22.12 1.01 -14.73
CA VAL A 20 22.01 -0.29 -14.11
C VAL A 20 23.01 -0.45 -12.96
N TYR A 21 23.55 0.67 -12.49
CA TYR A 21 24.51 0.66 -11.39
C TYR A 21 24.01 1.38 -10.15
N LEU A 22 24.47 0.89 -9.00
CA LEU A 22 24.13 1.48 -7.71
C LEU A 22 25.44 1.81 -7.00
N TYR A 23 25.44 2.85 -6.18
CA TYR A 23 26.62 3.27 -5.44
C TYR A 23 26.31 3.37 -3.95
N ASP A 24 27.14 2.76 -3.12
CA ASP A 24 26.91 2.81 -1.68
C ASP A 24 27.59 4.02 -1.02
N GLU A 25 27.47 4.12 0.30
CA GLU A 25 28.03 5.24 1.05
C GLU A 25 29.56 5.39 0.90
N GLU A 26 30.25 4.28 0.51
CA GLU A 26 31.69 4.38 0.31
C GLU A 26 32.03 4.69 -1.15
N GLY A 27 30.98 4.90 -1.97
CA GLY A 27 31.22 5.23 -3.38
C GLY A 27 31.46 3.97 -4.22
N LYS A 28 31.41 2.79 -3.59
CA LYS A 28 31.67 1.61 -4.40
C LYS A 28 30.52 1.36 -5.35
N GLU A 29 30.88 0.88 -6.53
CA GLU A 29 29.94 0.67 -7.63
C GLU A 29 29.46 -0.77 -7.72
N TYR A 30 28.16 -0.95 -7.96
CA TYR A 30 27.59 -2.29 -8.08
C TYR A 30 26.70 -2.44 -9.31
N LEU A 31 26.88 -3.54 -10.05
CA LEU A 31 26.05 -3.83 -11.22
C LEU A 31 24.79 -4.43 -10.60
N ASP A 32 23.64 -3.82 -10.88
CA ASP A 32 22.39 -4.25 -10.29
C ASP A 32 21.60 -5.31 -11.05
N PHE A 33 21.67 -6.55 -10.58
CA PHE A 33 20.93 -7.64 -11.20
C PHE A 33 19.77 -8.10 -10.32
N VAL A 34 19.27 -7.19 -9.49
CA VAL A 34 18.16 -7.48 -8.61
C VAL A 34 17.06 -6.41 -8.78
N SER A 35 17.47 -5.22 -9.21
CA SER A 35 16.57 -4.09 -9.41
C SER A 35 15.52 -3.90 -8.32
N GLY A 36 15.94 -4.05 -7.06
CA GLY A 36 15.04 -3.86 -5.94
C GLY A 36 13.89 -4.86 -5.95
N ILE A 37 14.20 -6.05 -6.44
CA ILE A 37 13.25 -7.16 -6.58
C ILE A 37 12.31 -6.92 -7.76
N GLY A 38 12.89 -6.60 -8.92
CA GLY A 38 12.10 -6.38 -10.11
C GLY A 38 11.25 -5.12 -10.15
N VAL A 39 11.63 -4.13 -9.37
CA VAL A 39 10.88 -2.88 -9.31
C VAL A 39 11.46 -1.80 -10.23
N ASN A 40 12.79 -1.67 -10.23
CA ASN A 40 13.41 -0.65 -11.05
C ASN A 40 13.54 -1.12 -12.50
N SER A 41 12.39 -1.31 -13.14
CA SER A 41 12.31 -1.77 -14.53
C SER A 41 13.18 -1.00 -15.53
N LEU A 42 13.30 0.31 -15.34
CA LEU A 42 14.10 1.14 -16.24
C LEU A 42 15.42 1.59 -15.59
N GLY A 43 15.85 0.87 -14.57
CA GLY A 43 17.09 1.23 -13.89
C GLY A 43 16.91 2.48 -13.07
N HIS A 44 18.03 3.14 -12.73
CA HIS A 44 17.99 4.36 -11.93
C HIS A 44 18.28 5.60 -12.73
N ALA A 45 17.72 6.72 -12.30
CA ALA A 45 17.93 8.00 -12.96
C ALA A 45 17.63 7.95 -14.45
N TYR A 46 16.65 7.13 -14.84
CA TYR A 46 16.28 7.03 -16.23
C TYR A 46 15.77 8.41 -16.66
N PRO A 47 16.48 9.07 -17.59
CA PRO A 47 16.13 10.40 -18.08
C PRO A 47 14.64 10.73 -18.26
N LYS A 48 13.95 9.96 -19.10
CA LYS A 48 12.54 10.23 -19.34
C LYS A 48 11.72 10.14 -18.05
N LEU A 49 12.01 9.17 -17.22
CA LEU A 49 11.28 9.01 -15.96
C LEU A 49 11.56 10.19 -15.03
N THR A 50 12.83 10.49 -14.82
CA THR A 50 13.24 11.58 -13.94
C THR A 50 12.61 12.92 -14.31
N GLU A 51 12.67 13.27 -15.59
CA GLU A 51 12.12 14.55 -16.03
C GLU A 51 10.61 14.62 -15.84
N ALA A 52 9.92 13.51 -16.09
CA ALA A 52 8.47 13.47 -15.92
C ALA A 52 8.08 13.61 -14.44
N LEU A 53 8.82 12.94 -13.56
CA LEU A 53 8.51 12.99 -12.13
C LEU A 53 8.78 14.39 -11.56
N LYS A 54 9.91 14.98 -11.94
CA LYS A 54 10.25 16.30 -11.45
C LYS A 54 9.18 17.31 -11.88
N GLU A 55 8.69 17.16 -13.10
CA GLU A 55 7.66 18.05 -13.60
C GLU A 55 6.36 17.85 -12.80
N GLN A 56 6.05 16.60 -12.50
CA GLN A 56 4.82 16.29 -11.75
C GLN A 56 4.91 16.79 -10.31
N VAL A 57 6.04 16.57 -9.67
CA VAL A 57 6.22 17.01 -8.30
C VAL A 57 5.96 18.51 -8.15
N GLU A 58 6.29 19.27 -9.18
CA GLU A 58 6.09 20.73 -9.14
C GLU A 58 4.63 21.13 -9.29
N LYS A 59 3.84 20.26 -9.88
CA LYS A 59 2.43 20.54 -10.13
C LYS A 59 1.40 19.96 -9.16
N LEU A 60 1.43 18.64 -9.00
CA LEU A 60 0.45 17.98 -8.14
C LEU A 60 0.91 16.60 -7.70
N LEU A 61 0.85 16.33 -6.41
CA LEU A 61 1.26 15.03 -5.88
C LEU A 61 0.07 14.11 -5.61
N HIS A 62 -0.99 14.69 -5.06
CA HIS A 62 -2.15 13.95 -4.57
C HIS A 62 -3.40 14.83 -4.49
N VAL A 63 -4.55 14.32 -5.00
CA VAL A 63 -5.82 15.01 -4.74
C VAL A 63 -6.89 14.11 -4.09
N SER A 64 -6.65 12.78 -4.19
CA SER A 64 -7.62 11.74 -3.74
C SER A 64 -8.66 11.41 -4.80
N ASN A 65 -9.25 10.21 -4.63
CA ASN A 65 -10.31 9.77 -5.54
C ASN A 65 -11.68 10.38 -5.21
N LEU A 66 -11.67 11.47 -4.40
CA LEU A 66 -12.89 12.24 -4.22
C LEU A 66 -13.25 12.96 -5.53
N TYR A 67 -12.19 13.24 -6.31
CA TYR A 67 -12.36 13.95 -7.57
C TYR A 67 -11.95 13.08 -8.77
N GLU A 68 -12.11 13.64 -9.96
CA GLU A 68 -11.70 12.98 -11.19
C GLU A 68 -10.19 12.96 -11.28
N ASN A 69 -9.62 11.80 -11.63
CA ASN A 69 -8.18 11.65 -11.78
C ASN A 69 -7.91 11.23 -13.22
N PRO A 70 -7.88 12.19 -14.16
CA PRO A 70 -7.64 11.91 -15.58
C PRO A 70 -6.40 11.07 -15.86
N TRP A 71 -5.37 11.25 -15.04
CA TRP A 71 -4.13 10.49 -15.21
C TRP A 71 -4.40 9.00 -15.00
N GLN A 72 -5.39 8.68 -14.17
CA GLN A 72 -5.75 7.27 -13.95
C GLN A 72 -6.34 6.71 -15.24
N GLU A 73 -7.21 7.50 -15.89
CA GLU A 73 -7.82 7.06 -17.15
C GLU A 73 -6.75 6.75 -18.20
N GLU A 74 -5.81 7.68 -18.37
CA GLU A 74 -4.74 7.50 -19.35
C GLU A 74 -3.91 6.24 -19.14
N LEU A 75 -3.50 5.99 -17.91
CA LEU A 75 -2.69 4.81 -17.61
C LEU A 75 -3.52 3.54 -17.77
N ALA A 76 -4.76 3.57 -17.28
CA ALA A 76 -5.63 2.40 -17.39
C ALA A 76 -5.79 2.01 -18.86
N HIS A 77 -6.01 3.01 -19.70
CA HIS A 77 -6.19 2.79 -21.14
C HIS A 77 -4.99 2.03 -21.72
N LYS A 78 -3.78 2.43 -21.34
CA LYS A 78 -2.58 1.77 -21.84
C LYS A 78 -2.48 0.33 -21.33
N LEU A 79 -2.89 0.10 -20.09
CA LEU A 79 -2.83 -1.25 -19.53
C LEU A 79 -3.89 -2.15 -20.14
N VAL A 80 -5.07 -1.59 -20.40
CA VAL A 80 -6.16 -2.38 -20.98
C VAL A 80 -5.86 -2.73 -22.44
N LYS A 81 -5.20 -1.81 -23.15
CA LYS A 81 -4.85 -2.03 -24.55
C LYS A 81 -4.07 -3.32 -24.77
N HIS A 82 -3.27 -3.72 -23.78
CA HIS A 82 -2.50 -4.95 -23.89
C HIS A 82 -3.20 -6.17 -23.32
N PHE A 83 -4.33 -5.96 -22.66
CA PHE A 83 -5.08 -7.07 -22.07
C PHE A 83 -5.77 -7.86 -23.21
N TRP A 84 -6.06 -9.14 -22.96
CA TRP A 84 -6.67 -9.97 -23.99
C TRP A 84 -8.10 -9.59 -24.37
N THR A 85 -8.80 -8.87 -23.50
CA THR A 85 -10.17 -8.47 -23.79
C THR A 85 -10.45 -7.11 -23.14
N GLU A 86 -11.69 -6.65 -23.25
CA GLU A 86 -12.07 -5.36 -22.67
C GLU A 86 -12.09 -5.50 -21.15
N GLY A 87 -11.56 -4.49 -20.47
CA GLY A 87 -11.52 -4.55 -19.02
C GLY A 87 -11.41 -3.20 -18.36
N LYS A 88 -11.34 -3.20 -17.03
CA LYS A 88 -11.21 -1.97 -16.26
C LYS A 88 -10.11 -2.15 -15.23
N VAL A 89 -9.66 -1.03 -14.68
CA VAL A 89 -8.56 -1.05 -13.72
C VAL A 89 -8.89 -0.35 -12.41
N PHE A 90 -8.31 -0.85 -11.32
CA PHE A 90 -8.46 -0.23 -10.00
C PHE A 90 -7.03 -0.03 -9.56
N PHE A 91 -6.68 1.19 -9.16
CA PHE A 91 -5.31 1.48 -8.72
C PHE A 91 -5.06 1.39 -7.23
N ALA A 92 -4.01 0.68 -6.85
CA ALA A 92 -3.64 0.51 -5.44
C ALA A 92 -2.21 1.05 -5.26
N ASN A 93 -1.56 0.69 -4.16
CA ASN A 93 -0.21 1.21 -3.93
C ASN A 93 0.87 0.16 -3.83
N SER A 94 0.46 -1.11 -3.87
CA SER A 94 1.42 -2.19 -3.74
C SER A 94 0.87 -3.46 -4.35
N GLY A 95 1.73 -4.46 -4.42
CA GLY A 95 1.34 -5.74 -4.94
C GLY A 95 0.36 -6.42 -4.00
N THR A 96 0.59 -6.31 -2.69
CA THR A 96 -0.31 -6.95 -1.73
C THR A 96 -1.69 -6.29 -1.75
N GLU A 97 -1.74 -4.97 -1.86
CA GLU A 97 -3.04 -4.30 -1.92
C GLU A 97 -3.79 -4.72 -3.18
N SER A 98 -3.03 -5.00 -4.24
CA SER A 98 -3.61 -5.43 -5.50
C SER A 98 -4.24 -6.81 -5.39
N VAL A 99 -3.51 -7.76 -4.83
CA VAL A 99 -4.06 -9.10 -4.67
C VAL A 99 -5.30 -9.03 -3.78
N GLU A 100 -5.24 -8.18 -2.76
CA GLU A 100 -6.38 -8.02 -1.84
C GLU A 100 -7.61 -7.55 -2.63
N ALA A 101 -7.42 -6.59 -3.53
CA ALA A 101 -8.52 -6.06 -4.33
C ALA A 101 -9.09 -7.15 -5.23
N ALA A 102 -8.22 -8.02 -5.75
CA ALA A 102 -8.65 -9.11 -6.62
C ALA A 102 -9.52 -10.12 -5.87
N ILE A 103 -9.07 -10.50 -4.67
CA ILE A 103 -9.81 -11.45 -3.84
C ILE A 103 -11.19 -10.89 -3.50
N LYS A 104 -11.24 -9.61 -3.15
CA LYS A 104 -12.50 -8.97 -2.82
C LYS A 104 -13.43 -8.92 -4.02
N LEU A 105 -12.89 -8.53 -5.18
CA LEU A 105 -13.69 -8.43 -6.40
C LEU A 105 -14.28 -9.79 -6.80
N ALA A 106 -13.48 -10.84 -6.68
CA ALA A 106 -13.91 -12.19 -7.02
C ALA A 106 -15.05 -12.66 -6.12
N ARG A 107 -14.94 -12.41 -4.82
CA ARG A 107 -16.00 -12.81 -3.90
C ARG A 107 -17.28 -12.03 -4.14
N LYS A 108 -17.17 -10.71 -4.29
CA LYS A 108 -18.36 -9.90 -4.52
C LYS A 108 -18.99 -10.24 -5.86
N TYR A 109 -18.16 -10.59 -6.84
CA TYR A 109 -18.65 -10.95 -8.17
C TYR A 109 -19.73 -12.03 -8.08
N TRP A 110 -19.39 -13.12 -7.39
CA TRP A 110 -20.32 -14.24 -7.23
C TRP A 110 -21.51 -13.90 -6.37
N ARG A 111 -21.32 -12.99 -5.41
CA ARG A 111 -22.41 -12.57 -4.54
C ARG A 111 -23.44 -11.77 -5.36
N ASP A 112 -22.94 -10.93 -6.27
CA ASP A 112 -23.84 -10.16 -7.11
C ASP A 112 -24.68 -11.06 -8.01
N LYS A 113 -24.11 -12.24 -8.31
CA LYS A 113 -24.78 -13.18 -9.23
C LYS A 113 -25.70 -14.15 -8.49
N GLY A 114 -25.76 -13.98 -7.15
CA GLY A 114 -26.67 -14.80 -6.36
C GLY A 114 -26.05 -16.15 -5.95
N LYS A 115 -24.74 -16.28 -6.18
CA LYS A 115 -24.10 -17.56 -5.92
C LYS A 115 -23.23 -17.57 -4.66
N ASN A 116 -23.02 -18.75 -4.10
CA ASN A 116 -22.26 -18.90 -2.87
C ASN A 116 -20.85 -19.47 -3.09
N LYS A 117 -20.02 -18.70 -3.77
CA LYS A 117 -18.64 -19.11 -4.03
C LYS A 117 -17.74 -18.11 -3.31
N TRP A 118 -16.97 -18.58 -2.34
CA TRP A 118 -16.11 -17.69 -1.59
C TRP A 118 -14.72 -18.28 -1.29
N LYS A 119 -14.48 -19.51 -1.73
CA LYS A 119 -13.20 -20.15 -1.49
C LYS A 119 -12.23 -19.90 -2.63
N PHE A 120 -10.95 -20.06 -2.34
CA PHE A 120 -9.91 -19.85 -3.34
C PHE A 120 -8.89 -20.96 -3.24
N ILE A 121 -8.36 -21.33 -4.40
CA ILE A 121 -7.33 -22.34 -4.47
C ILE A 121 -6.09 -21.61 -4.98
N SER A 122 -5.03 -21.65 -4.19
CA SER A 122 -3.77 -21.03 -4.61
C SER A 122 -2.76 -22.16 -4.62
N PHE A 123 -1.48 -21.84 -4.77
CA PHE A 123 -0.47 -22.90 -4.85
C PHE A 123 0.65 -22.84 -3.83
N GLU A 124 1.22 -24.02 -3.56
CA GLU A 124 2.34 -24.14 -2.64
C GLU A 124 3.52 -23.36 -3.24
N ASN A 125 4.32 -22.75 -2.37
CA ASN A 125 5.49 -21.98 -2.80
C ASN A 125 5.12 -20.65 -3.44
N SER A 126 3.84 -20.29 -3.37
CA SER A 126 3.40 -19.04 -3.96
C SER A 126 3.62 -17.91 -2.96
N PHE A 127 3.64 -16.68 -3.48
CA PHE A 127 3.81 -15.51 -2.64
C PHE A 127 2.94 -14.41 -3.22
N HIS A 128 1.93 -13.98 -2.48
CA HIS A 128 1.02 -12.96 -2.96
C HIS A 128 0.96 -11.70 -2.11
N GLY A 129 1.64 -11.71 -0.97
CA GLY A 129 1.62 -10.53 -0.12
C GLY A 129 1.55 -10.87 1.35
N ARG A 130 1.73 -9.84 2.19
CA ARG A 130 1.74 -9.99 3.63
C ARG A 130 0.51 -9.51 4.39
N THR A 131 -0.37 -8.74 3.74
CA THR A 131 -1.59 -8.31 4.41
C THR A 131 -2.48 -9.56 4.50
N TYR A 132 -3.42 -9.58 5.44
CA TYR A 132 -4.24 -10.77 5.64
C TYR A 132 -4.86 -11.51 4.46
N GLY A 133 -5.49 -10.78 3.54
CA GLY A 133 -6.08 -11.44 2.39
C GLY A 133 -5.02 -12.12 1.54
N SER A 134 -3.97 -11.38 1.22
CA SER A 134 -2.88 -11.92 0.42
C SER A 134 -2.08 -12.96 1.17
N LEU A 135 -1.98 -12.79 2.49
CA LEU A 135 -1.24 -13.73 3.31
C LEU A 135 -1.95 -15.08 3.28
N SER A 136 -3.28 -15.04 3.24
CA SER A 136 -4.07 -16.26 3.19
C SER A 136 -3.87 -16.99 1.87
N ALA A 137 -3.69 -16.23 0.79
CA ALA A 137 -3.48 -16.82 -0.53
C ALA A 137 -2.06 -17.36 -0.68
N THR A 138 -1.13 -16.78 0.08
CA THR A 138 0.27 -17.20 0.05
C THR A 138 0.40 -18.60 0.62
N GLY A 139 0.82 -19.54 -0.23
CA GLY A 139 0.94 -20.93 0.18
C GLY A 139 2.23 -21.32 0.86
N GLN A 140 2.61 -20.54 1.88
CA GLN A 140 3.83 -20.83 2.62
C GLN A 140 3.55 -20.61 4.10
N PRO A 141 3.16 -21.69 4.79
CA PRO A 141 2.85 -21.69 6.22
C PRO A 141 3.81 -20.93 7.12
N LYS A 142 5.08 -20.87 6.74
CA LYS A 142 6.06 -20.17 7.56
C LYS A 142 5.72 -18.69 7.72
N PHE A 143 5.05 -18.13 6.71
CA PHE A 143 4.66 -16.72 6.76
C PHE A 143 3.36 -16.51 7.52
N HIS A 144 2.67 -17.61 7.85
CA HIS A 144 1.40 -17.55 8.56
C HIS A 144 1.59 -17.63 10.08
N LYS A 145 2.58 -18.40 10.50
CA LYS A 145 2.86 -18.63 11.92
C LYS A 145 2.80 -17.43 12.85
N GLY A 146 1.86 -17.48 13.79
CA GLY A 146 1.69 -16.43 14.77
C GLY A 146 0.63 -15.40 14.39
N PHE A 147 0.13 -15.50 13.17
CA PHE A 147 -0.87 -14.54 12.67
C PHE A 147 -2.28 -15.12 12.51
N GLU A 148 -2.41 -16.43 12.65
CA GLU A 148 -3.71 -17.10 12.51
C GLU A 148 -4.69 -16.60 13.57
N PRO A 149 -6.00 -16.72 13.29
CA PRO A 149 -6.61 -17.28 12.08
C PRO A 149 -6.55 -16.33 10.88
N LEU A 150 -6.34 -16.90 9.70
CA LEU A 150 -6.27 -16.13 8.47
C LEU A 150 -7.69 -16.00 7.92
N VAL A 151 -7.83 -15.46 6.71
CA VAL A 151 -9.14 -15.35 6.10
C VAL A 151 -9.52 -16.78 5.74
N PRO A 152 -10.75 -17.20 6.09
CA PRO A 152 -11.18 -18.57 5.79
C PRO A 152 -11.39 -18.79 4.30
N GLY A 153 -11.25 -20.04 3.87
CA GLY A 153 -11.50 -20.37 2.48
C GLY A 153 -10.34 -20.56 1.53
N PHE A 154 -9.12 -20.62 2.04
CA PHE A 154 -7.98 -20.81 1.15
C PHE A 154 -7.31 -22.17 1.32
N SER A 155 -7.02 -22.83 0.21
CA SER A 155 -6.37 -24.13 0.22
C SER A 155 -5.25 -24.09 -0.81
N TYR A 156 -4.23 -24.90 -0.60
CA TYR A 156 -3.08 -24.88 -1.50
C TYR A 156 -2.84 -26.16 -2.31
N ALA A 157 -2.89 -26.02 -3.62
CA ALA A 157 -2.65 -27.14 -4.53
C ALA A 157 -1.18 -27.12 -4.92
N LYS A 158 -0.78 -28.04 -5.79
CA LYS A 158 0.60 -28.10 -6.24
C LYS A 158 0.76 -27.70 -7.70
N LEU A 159 1.75 -26.85 -7.96
CA LEU A 159 2.02 -26.36 -9.31
C LEU A 159 2.34 -27.53 -10.22
N ASN A 160 1.79 -27.49 -11.44
CA ASN A 160 1.99 -28.53 -12.44
C ASN A 160 1.41 -29.88 -12.02
N ASP A 161 0.48 -29.84 -11.08
CA ASP A 161 -0.19 -31.04 -10.58
C ASP A 161 -1.67 -30.72 -10.67
N ILE A 162 -2.26 -30.97 -11.84
CA ILE A 162 -3.67 -30.67 -12.06
C ILE A 162 -4.62 -31.45 -11.17
N ASP A 163 -4.20 -32.64 -10.75
CA ASP A 163 -5.05 -33.46 -9.89
C ASP A 163 -5.19 -32.83 -8.51
N SER A 164 -4.13 -32.18 -8.02
CA SER A 164 -4.18 -31.54 -6.72
C SER A 164 -5.20 -30.42 -6.74
N VAL A 165 -5.46 -29.87 -7.92
CA VAL A 165 -6.43 -28.79 -8.07
C VAL A 165 -7.85 -29.38 -7.96
N TYR A 166 -8.09 -30.49 -8.65
CA TYR A 166 -9.41 -31.12 -8.61
C TYR A 166 -9.78 -31.54 -7.19
N LYS A 167 -8.83 -32.09 -6.45
CA LYS A 167 -9.09 -32.54 -5.09
C LYS A 167 -9.53 -31.41 -4.16
N LEU A 168 -9.33 -30.17 -4.58
CA LEU A 168 -9.68 -29.01 -3.75
C LEU A 168 -10.81 -28.17 -4.34
N LEU A 169 -11.16 -28.40 -5.59
CA LEU A 169 -12.21 -27.62 -6.22
C LEU A 169 -13.61 -28.17 -6.01
N ASP A 170 -14.50 -27.31 -5.52
CA ASP A 170 -15.90 -27.68 -5.29
C ASP A 170 -16.77 -26.54 -5.82
N GLU A 171 -18.08 -26.63 -5.59
CA GLU A 171 -19.00 -25.62 -6.11
C GLU A 171 -18.96 -24.30 -5.32
N GLU A 172 -18.23 -24.29 -4.19
CA GLU A 172 -18.11 -23.06 -3.41
C GLU A 172 -16.79 -22.31 -3.72
N THR A 173 -16.04 -22.86 -4.69
CA THR A 173 -14.80 -22.22 -5.10
C THR A 173 -15.06 -20.99 -5.98
N ALA A 174 -14.58 -19.84 -5.55
CA ALA A 174 -14.79 -18.59 -6.27
C ALA A 174 -13.74 -18.38 -7.34
N GLY A 175 -12.52 -18.84 -7.08
CA GLY A 175 -11.46 -18.67 -8.05
C GLY A 175 -10.16 -19.35 -7.72
N ILE A 176 -9.27 -19.36 -8.70
CA ILE A 176 -7.95 -19.96 -8.57
C ILE A 176 -6.93 -18.83 -8.75
N ILE A 177 -5.97 -18.73 -7.84
CA ILE A 177 -4.93 -17.69 -7.87
C ILE A 177 -3.59 -18.31 -8.20
N ILE A 178 -2.88 -17.77 -9.19
CA ILE A 178 -1.60 -18.36 -9.55
C ILE A 178 -0.59 -17.37 -10.14
N GLU A 179 0.69 -17.73 -10.04
CA GLU A 179 1.76 -16.94 -10.63
C GLU A 179 2.23 -17.78 -11.82
N VAL A 180 2.31 -17.19 -13.01
CA VAL A 180 2.76 -17.94 -14.18
C VAL A 180 4.15 -18.52 -13.88
N ILE A 181 4.97 -17.73 -13.19
CA ILE A 181 6.29 -18.14 -12.75
C ILE A 181 6.37 -17.65 -11.31
N GLN A 182 6.58 -18.56 -10.36
CA GLN A 182 6.67 -18.17 -8.96
C GLN A 182 8.08 -17.64 -8.66
N GLY A 183 8.21 -16.33 -8.55
CA GLY A 183 9.51 -15.73 -8.30
C GLY A 183 10.09 -16.00 -6.93
N GLU A 184 9.46 -15.45 -5.90
CA GLU A 184 9.93 -15.62 -4.52
C GLU A 184 10.06 -17.09 -4.16
N GLY A 185 9.18 -17.92 -4.72
CA GLY A 185 9.21 -19.35 -4.43
C GLY A 185 10.32 -20.15 -5.08
N GLY A 186 11.20 -19.49 -5.83
CA GLY A 186 12.29 -20.19 -6.47
C GLY A 186 12.26 -20.17 -7.99
N VAL A 187 11.58 -19.18 -8.56
CA VAL A 187 11.46 -19.06 -10.01
C VAL A 187 10.92 -20.37 -10.57
N ASN A 188 9.78 -20.81 -10.04
CA ASN A 188 9.14 -22.05 -10.46
C ASN A 188 8.22 -21.77 -11.63
N GLU A 189 8.40 -22.50 -12.72
CA GLU A 189 7.60 -22.33 -13.92
C GLU A 189 6.40 -23.25 -14.05
N ALA A 190 5.24 -22.65 -14.31
CA ALA A 190 4.02 -23.43 -14.51
C ALA A 190 4.13 -23.89 -15.97
N SER A 191 3.95 -25.18 -16.20
CA SER A 191 4.05 -25.73 -17.56
C SER A 191 2.93 -25.24 -18.46
N GLU A 192 3.17 -25.27 -19.77
CA GLU A 192 2.15 -24.85 -20.71
C GLU A 192 0.97 -25.81 -20.63
N ASP A 193 1.28 -27.09 -20.48
CA ASP A 193 0.25 -28.11 -20.37
C ASP A 193 -0.62 -27.84 -19.14
N PHE A 194 0.03 -27.61 -18.01
CA PHE A 194 -0.67 -27.32 -16.76
C PHE A 194 -1.57 -26.09 -16.87
N LEU A 195 -1.01 -24.99 -17.39
CA LEU A 195 -1.78 -23.76 -17.53
C LEU A 195 -2.96 -23.95 -18.47
N SER A 196 -2.78 -24.78 -19.49
CA SER A 196 -3.83 -25.07 -20.45
C SER A 196 -5.00 -25.75 -19.73
N LYS A 197 -4.70 -26.80 -19.00
CA LYS A 197 -5.71 -27.54 -18.27
C LYS A 197 -6.36 -26.67 -17.19
N LEU A 198 -5.55 -25.84 -16.53
CA LEU A 198 -6.07 -24.97 -15.49
C LEU A 198 -7.07 -24.00 -16.11
N GLN A 199 -6.74 -23.49 -17.30
CA GLN A 199 -7.63 -22.57 -17.99
C GLN A 199 -8.93 -23.32 -18.30
N GLU A 200 -8.78 -24.57 -18.72
CA GLU A 200 -9.90 -25.44 -19.07
C GLU A 200 -10.82 -25.63 -17.87
N ILE A 201 -10.22 -25.99 -16.74
CA ILE A 201 -10.96 -26.20 -15.51
C ILE A 201 -11.80 -24.99 -15.14
N CYS A 202 -11.20 -23.80 -15.21
CA CYS A 202 -11.92 -22.58 -14.88
C CYS A 202 -13.15 -22.37 -15.75
N LYS A 203 -13.00 -22.56 -17.06
CA LYS A 203 -14.13 -22.38 -17.97
C LYS A 203 -15.24 -23.40 -17.74
N GLU A 204 -14.86 -24.65 -17.49
CA GLU A 204 -15.82 -25.74 -17.29
C GLU A 204 -16.44 -25.80 -15.89
N LYS A 205 -15.59 -25.55 -14.86
CA LYS A 205 -16.12 -25.55 -13.49
C LYS A 205 -16.77 -24.21 -13.12
N ASP A 206 -16.62 -23.23 -14.03
CA ASP A 206 -17.13 -21.87 -13.80
C ASP A 206 -16.46 -21.20 -12.59
N VAL A 207 -15.11 -21.21 -12.63
CA VAL A 207 -14.33 -20.57 -11.58
C VAL A 207 -13.41 -19.49 -12.16
N LEU A 208 -13.30 -18.38 -11.44
CA LEU A 208 -12.46 -17.26 -11.90
C LEU A 208 -10.98 -17.58 -11.85
N LEU A 209 -10.27 -17.14 -12.89
CA LEU A 209 -8.83 -17.33 -12.97
C LEU A 209 -8.19 -15.99 -12.64
N ILE A 210 -7.43 -15.96 -11.55
CA ILE A 210 -6.77 -14.75 -11.10
C ILE A 210 -5.27 -14.98 -11.16
N ILE A 211 -4.60 -14.23 -12.03
CA ILE A 211 -3.16 -14.38 -12.19
C ILE A 211 -2.45 -13.21 -11.53
N ASP A 212 -1.55 -13.54 -10.62
CA ASP A 212 -0.78 -12.54 -9.91
C ASP A 212 0.43 -12.18 -10.78
N GLU A 213 0.39 -11.03 -11.44
CA GLU A 213 1.53 -10.62 -12.28
C GLU A 213 2.35 -9.49 -11.64
N VAL A 214 2.29 -9.39 -10.33
CA VAL A 214 3.04 -8.36 -9.62
C VAL A 214 4.52 -8.44 -9.95
N GLN A 215 5.04 -9.67 -10.00
CA GLN A 215 6.44 -9.90 -10.30
C GLN A 215 6.73 -10.15 -11.78
N THR A 216 5.86 -10.91 -12.45
CA THR A 216 6.05 -11.22 -13.87
C THR A 216 5.57 -10.14 -14.83
N GLY A 217 4.71 -9.25 -14.35
CA GLY A 217 4.16 -8.23 -15.22
C GLY A 217 5.03 -7.10 -15.72
N ILE A 218 4.49 -6.39 -16.69
CA ILE A 218 5.13 -5.23 -17.30
C ILE A 218 6.49 -5.53 -17.95
N GLY A 219 6.49 -6.52 -18.85
CA GLY A 219 7.68 -6.89 -19.60
C GLY A 219 8.76 -7.78 -19.00
N ARG A 220 8.71 -8.01 -17.70
CA ARG A 220 9.72 -8.82 -17.03
C ARG A 220 10.09 -10.14 -17.72
N THR A 221 9.10 -10.83 -18.30
CA THR A 221 9.39 -12.12 -18.95
C THR A 221 9.51 -12.08 -20.48
N GLY A 222 9.50 -10.89 -21.08
CA GLY A 222 9.62 -10.82 -22.52
C GLY A 222 8.33 -10.39 -23.22
N GLU A 223 7.21 -10.54 -22.51
CA GLU A 223 5.90 -10.14 -23.03
C GLU A 223 5.37 -9.13 -22.03
N PHE A 224 4.49 -8.23 -22.46
CA PHE A 224 3.96 -7.24 -21.54
C PHE A 224 3.41 -7.94 -20.29
N TYR A 225 2.54 -8.93 -20.49
CA TYR A 225 1.99 -9.72 -19.40
C TYR A 225 2.49 -11.14 -19.63
N ALA A 226 3.02 -11.78 -18.59
CA ALA A 226 3.54 -13.14 -18.73
C ALA A 226 2.50 -14.15 -19.19
N TYR A 227 1.23 -13.95 -18.85
CA TYR A 227 0.20 -14.89 -19.24
C TYR A 227 0.06 -15.00 -20.77
N GLN A 228 0.56 -14.00 -21.47
CA GLN A 228 0.48 -13.99 -22.93
C GLN A 228 1.35 -15.07 -23.58
N HIS A 229 2.32 -15.58 -22.84
CA HIS A 229 3.19 -16.62 -23.36
C HIS A 229 2.38 -17.90 -23.59
N PHE A 230 1.27 -18.02 -22.90
CA PHE A 230 0.42 -19.21 -23.01
C PHE A 230 -0.98 -18.90 -23.52
N ASN A 231 -1.16 -17.71 -24.09
CA ASN A 231 -2.45 -17.29 -24.60
C ASN A 231 -3.57 -17.54 -23.60
N LEU A 232 -3.31 -17.25 -22.33
CA LEU A 232 -4.31 -17.44 -21.29
C LEU A 232 -5.33 -16.31 -21.35
N LYS A 233 -6.47 -16.52 -20.69
CA LYS A 233 -7.53 -15.52 -20.66
C LYS A 233 -8.02 -15.30 -19.24
N PRO A 234 -7.17 -14.72 -18.39
CA PRO A 234 -7.52 -14.46 -16.99
C PRO A 234 -8.69 -13.49 -16.80
N ASP A 235 -9.46 -13.72 -15.75
CA ASP A 235 -10.58 -12.85 -15.45
C ASP A 235 -10.06 -11.62 -14.71
N VAL A 236 -8.98 -11.82 -13.95
CA VAL A 236 -8.36 -10.74 -13.20
C VAL A 236 -6.85 -10.95 -13.07
N ILE A 237 -6.08 -9.87 -13.15
CA ILE A 237 -4.64 -9.98 -12.96
C ILE A 237 -4.23 -8.87 -11.99
N ALA A 238 -3.17 -9.10 -11.23
CA ALA A 238 -2.67 -8.13 -10.27
C ALA A 238 -1.31 -7.65 -10.77
N LEU A 239 -1.06 -6.35 -10.65
CA LEU A 239 0.20 -5.76 -11.12
C LEU A 239 0.77 -4.83 -10.07
N ALA A 240 2.08 -4.64 -10.10
CA ALA A 240 2.76 -3.72 -9.18
C ALA A 240 4.25 -3.73 -9.51
N LYS A 241 5.07 -3.56 -8.48
CA LYS A 241 6.52 -3.52 -8.64
C LYS A 241 6.98 -2.71 -9.87
N GLY A 242 7.49 -3.41 -10.87
CA GLY A 242 8.01 -2.77 -12.08
C GLY A 242 7.15 -1.74 -12.81
N LEU A 243 5.85 -1.78 -12.57
CA LEU A 243 4.91 -0.86 -13.20
C LEU A 243 5.23 0.62 -12.93
N GLY A 244 5.73 0.90 -11.73
CA GLY A 244 6.04 2.27 -11.36
C GLY A 244 7.51 2.65 -11.52
N GLY A 245 8.34 1.74 -11.98
CA GLY A 245 9.75 2.03 -12.17
C GLY A 245 10.48 2.53 -10.94
N GLY A 246 9.90 2.32 -9.76
CA GLY A 246 10.52 2.78 -8.53
C GLY A 246 9.52 3.50 -7.66
N VAL A 247 8.50 4.08 -8.28
CA VAL A 247 7.46 4.78 -7.53
C VAL A 247 6.41 3.74 -7.12
N PRO A 248 5.95 3.75 -5.85
CA PRO A 248 4.96 2.77 -5.41
C PRO A 248 3.65 2.85 -6.19
N ILE A 249 3.20 1.71 -6.70
CA ILE A 249 1.96 1.66 -7.45
C ILE A 249 1.52 0.20 -7.55
N GLY A 250 0.22 0.00 -7.69
CA GLY A 250 -0.30 -1.35 -7.82
C GLY A 250 -1.61 -1.24 -8.57
N ALA A 251 -2.14 -2.37 -9.02
CA ALA A 251 -3.42 -2.34 -9.72
C ALA A 251 -3.91 -3.71 -10.06
N ILE A 252 -5.22 -3.80 -10.28
CA ILE A 252 -5.80 -5.05 -10.73
C ILE A 252 -6.51 -4.64 -12.00
N LEU A 253 -6.50 -5.54 -12.97
CA LEU A 253 -7.17 -5.31 -14.25
C LEU A 253 -8.11 -6.49 -14.33
N ALA A 254 -9.38 -6.22 -14.58
CA ALA A 254 -10.38 -7.28 -14.66
C ALA A 254 -11.26 -7.09 -15.89
N ARG A 255 -11.61 -8.18 -16.55
CA ARG A 255 -12.45 -8.05 -17.73
C ARG A 255 -13.76 -7.40 -17.30
N GLU A 256 -14.36 -6.67 -18.24
CA GLU A 256 -15.61 -5.94 -18.05
C GLU A 256 -16.67 -6.53 -17.14
N GLU A 257 -17.05 -7.78 -17.39
CA GLU A 257 -18.10 -8.41 -16.59
C GLU A 257 -17.78 -8.56 -15.11
N VAL A 258 -16.54 -8.88 -14.78
CA VAL A 258 -16.18 -9.04 -13.38
C VAL A 258 -16.03 -7.65 -12.74
N ALA A 259 -15.38 -6.74 -13.45
CA ALA A 259 -15.15 -5.39 -12.98
C ALA A 259 -16.44 -4.70 -12.51
N GLN A 260 -17.56 -5.09 -13.11
CA GLN A 260 -18.84 -4.49 -12.77
C GLN A 260 -19.13 -4.54 -11.28
N SER A 261 -18.71 -5.62 -10.62
CA SER A 261 -18.96 -5.80 -9.20
C SER A 261 -18.33 -4.78 -8.26
N PHE A 262 -17.32 -4.05 -8.73
CA PHE A 262 -16.74 -3.03 -7.86
C PHE A 262 -17.61 -1.80 -8.04
N THR A 263 -18.69 -1.76 -7.27
CA THR A 263 -19.65 -0.68 -7.29
C THR A 263 -19.26 0.44 -6.34
N PRO A 264 -19.89 1.62 -6.46
CA PRO A 264 -19.59 2.76 -5.60
C PRO A 264 -19.57 2.46 -4.11
N GLY A 265 -18.44 2.75 -3.47
CA GLY A 265 -18.31 2.52 -2.04
C GLY A 265 -17.85 1.12 -1.64
N SER A 266 -17.80 0.21 -2.60
CA SER A 266 -17.40 -1.16 -2.31
C SER A 266 -15.90 -1.33 -2.02
N HIS A 267 -15.09 -0.42 -2.54
CA HIS A 267 -13.64 -0.50 -2.31
C HIS A 267 -13.01 0.84 -2.63
N GLY A 268 -11.77 1.02 -2.21
CA GLY A 268 -11.09 2.28 -2.45
C GLY A 268 -9.72 2.30 -1.83
N SER A 269 -8.98 3.38 -2.10
CA SER A 269 -7.62 3.58 -1.59
C SER A 269 -7.37 5.08 -1.55
N THR A 270 -6.83 5.58 -0.44
CA THR A 270 -6.57 7.00 -0.34
C THR A 270 -5.47 7.44 -1.32
N PHE A 271 -4.32 6.76 -1.29
CA PHE A 271 -3.20 7.11 -2.17
C PHE A 271 -3.30 6.51 -3.58
N GLY A 272 -4.17 5.51 -3.74
CA GLY A 272 -4.30 4.86 -5.02
C GLY A 272 -4.58 5.75 -6.22
N GLY A 273 -3.78 5.61 -7.27
CA GLY A 273 -3.98 6.40 -8.48
C GLY A 273 -3.62 7.86 -8.42
N ASN A 274 -2.72 8.22 -7.50
CA ASN A 274 -2.30 9.60 -7.37
C ASN A 274 -1.55 9.97 -8.66
N PRO A 275 -1.48 11.26 -8.99
CA PRO A 275 -0.79 11.68 -10.22
C PRO A 275 0.71 11.36 -10.34
N LEU A 276 1.39 11.20 -9.21
CA LEU A 276 2.82 10.89 -9.27
C LEU A 276 3.04 9.45 -9.71
N ALA A 277 2.29 8.52 -9.12
CA ALA A 277 2.37 7.11 -9.47
C ALA A 277 1.95 6.89 -10.92
N CYS A 278 0.89 7.55 -11.32
CA CYS A 278 0.39 7.39 -12.68
C CYS A 278 1.33 7.97 -13.73
N ARG A 279 2.02 9.06 -13.39
CA ARG A 279 2.97 9.67 -14.32
C ARG A 279 4.11 8.67 -14.53
N ALA A 280 4.52 8.02 -13.45
CA ALA A 280 5.59 7.03 -13.52
C ALA A 280 5.16 5.84 -14.37
N GLY A 281 3.98 5.31 -14.06
CA GLY A 281 3.46 4.18 -14.80
C GLY A 281 3.31 4.46 -16.28
N THR A 282 2.88 5.67 -16.62
CA THR A 282 2.70 6.04 -18.01
C THR A 282 4.03 6.00 -18.76
N VAL A 283 5.09 6.49 -18.11
CA VAL A 283 6.40 6.49 -18.72
C VAL A 283 6.91 5.06 -18.88
N VAL A 284 6.81 4.28 -17.81
CA VAL A 284 7.27 2.89 -17.83
C VAL A 284 6.54 2.05 -18.87
N VAL A 285 5.23 2.16 -18.93
CA VAL A 285 4.48 1.37 -19.90
C VAL A 285 4.89 1.68 -21.34
N ASP A 286 5.06 2.96 -21.67
CA ASP A 286 5.47 3.32 -23.02
C ASP A 286 6.87 2.83 -23.33
N GLU A 287 7.79 3.02 -22.39
CA GLU A 287 9.17 2.58 -22.59
C GLU A 287 9.31 1.07 -22.64
N VAL A 288 8.61 0.38 -21.75
CA VAL A 288 8.68 -1.07 -21.69
C VAL A 288 8.20 -1.77 -22.96
N GLU A 289 7.09 -1.31 -23.53
CA GLU A 289 6.62 -1.97 -24.74
C GLU A 289 7.63 -1.86 -25.86
N LYS A 290 8.45 -0.81 -25.85
CA LYS A 290 9.49 -0.63 -26.86
C LYS A 290 10.67 -1.54 -26.58
N LEU A 291 10.80 -1.97 -25.33
CA LEU A 291 11.91 -2.82 -24.89
C LEU A 291 11.64 -4.32 -24.98
N LEU A 292 10.38 -4.71 -25.15
CA LEU A 292 10.03 -6.13 -25.21
C LEU A 292 10.95 -6.98 -26.09
N PRO A 293 11.16 -6.58 -27.34
CA PRO A 293 12.05 -7.38 -28.20
C PRO A 293 13.43 -7.49 -27.57
N HIS A 294 13.93 -6.41 -26.98
CA HIS A 294 15.24 -6.40 -26.34
C HIS A 294 15.27 -7.32 -25.14
N VAL A 295 14.22 -7.26 -24.31
CA VAL A 295 14.13 -8.11 -23.14
C VAL A 295 14.26 -9.56 -23.55
N ARG A 296 13.52 -9.94 -24.60
CA ARG A 296 13.54 -11.31 -25.09
C ARG A 296 14.93 -11.74 -25.57
N GLU A 297 15.59 -10.88 -26.34
CA GLU A 297 16.91 -11.18 -26.87
C GLU A 297 18.02 -11.23 -25.82
N VAL A 298 18.14 -10.18 -25.02
CA VAL A 298 19.17 -10.17 -23.99
C VAL A 298 18.83 -11.26 -22.96
N GLY A 299 17.54 -11.48 -22.74
CA GLY A 299 17.11 -12.49 -21.79
C GLY A 299 17.54 -13.89 -22.20
N ASN A 300 17.37 -14.22 -23.48
CA ASN A 300 17.75 -15.53 -23.98
C ASN A 300 19.27 -15.67 -23.91
N TYR A 301 19.96 -14.59 -24.23
CA TYR A 301 21.42 -14.56 -24.20
C TYR A 301 21.88 -14.92 -22.79
N PHE A 302 21.34 -14.19 -21.80
CA PHE A 302 21.67 -14.41 -20.40
C PHE A 302 21.37 -15.84 -19.95
N LYS A 303 20.20 -16.35 -20.29
CA LYS A 303 19.84 -17.70 -19.90
C LYS A 303 20.85 -18.71 -20.44
N GLU A 304 21.24 -18.55 -21.71
CA GLU A 304 22.21 -19.47 -22.30
C GLU A 304 23.56 -19.42 -21.60
N LYS A 305 24.02 -18.22 -21.25
CA LYS A 305 25.30 -18.07 -20.57
C LYS A 305 25.23 -18.72 -19.20
N LEU A 306 24.09 -18.60 -18.54
CA LEU A 306 23.91 -19.20 -17.22
C LEU A 306 24.03 -20.72 -17.34
N LYS A 307 23.44 -21.27 -18.39
CA LYS A 307 23.50 -22.72 -18.62
C LYS A 307 24.96 -23.12 -18.87
N GLU A 308 25.68 -22.25 -19.57
CA GLU A 308 27.08 -22.51 -19.90
C GLU A 308 28.00 -22.65 -18.68
N LEU A 309 27.63 -22.01 -17.58
CA LEU A 309 28.44 -22.08 -16.37
C LEU A 309 28.49 -23.53 -15.86
N GLY A 310 27.45 -24.29 -16.17
CA GLY A 310 27.38 -25.67 -15.74
C GLY A 310 27.37 -25.82 -14.23
N LYS A 311 26.74 -24.86 -13.55
CA LYS A 311 26.69 -24.88 -12.09
C LYS A 311 25.30 -25.13 -11.52
N GLY A 312 24.36 -25.56 -12.38
CA GLY A 312 23.02 -25.83 -11.90
C GLY A 312 21.94 -25.72 -12.94
N LYS A 313 20.70 -25.96 -12.52
CA LYS A 313 19.54 -25.91 -13.38
C LYS A 313 19.08 -24.45 -13.58
N VAL A 314 19.00 -24.01 -14.83
CA VAL A 314 18.58 -22.65 -15.13
C VAL A 314 17.08 -22.61 -15.33
N LYS A 315 16.41 -21.69 -14.64
CA LYS A 315 14.97 -21.57 -14.69
C LYS A 315 14.56 -20.16 -15.07
N GLY A 316 13.30 -20.00 -15.48
CA GLY A 316 12.81 -18.67 -15.82
C GLY A 316 12.61 -18.39 -17.29
N ARG A 317 12.17 -17.17 -17.57
CA ARG A 317 11.89 -16.73 -18.93
C ARG A 317 12.20 -15.24 -19.02
N GLY A 318 12.66 -14.80 -20.19
CA GLY A 318 12.98 -13.38 -20.37
C GLY A 318 14.07 -12.94 -19.42
N LEU A 319 13.79 -11.92 -18.60
CA LEU A 319 14.76 -11.42 -17.64
C LEU A 319 14.37 -11.77 -16.20
N MET A 320 13.61 -12.85 -16.06
CA MET A 320 13.23 -13.35 -14.75
C MET A 320 13.86 -14.73 -14.76
N LEU A 321 15.12 -14.80 -14.35
CA LEU A 321 15.83 -16.07 -14.37
C LEU A 321 16.33 -16.50 -13.01
N GLY A 322 16.56 -17.81 -12.89
CA GLY A 322 17.05 -18.36 -11.65
C GLY A 322 18.04 -19.48 -11.91
N LEU A 323 18.97 -19.66 -10.97
CA LEU A 323 19.97 -20.71 -11.07
C LEU A 323 19.87 -21.51 -9.79
N GLU A 324 19.33 -22.72 -9.88
CA GLU A 324 19.17 -23.58 -8.73
C GLU A 324 20.49 -24.29 -8.43
N LEU A 325 21.11 -23.93 -7.31
CA LEU A 325 22.38 -24.51 -6.92
C LEU A 325 22.19 -25.79 -6.11
N GLU A 326 23.30 -26.50 -5.89
CA GLU A 326 23.29 -27.74 -5.13
C GLU A 326 23.14 -27.44 -3.65
N ARG A 327 23.68 -26.30 -3.21
CA ARG A 327 23.59 -25.92 -1.80
C ARG A 327 23.05 -24.51 -1.64
N GLU A 328 22.95 -24.06 -0.39
CA GLU A 328 22.43 -22.74 -0.08
C GLU A 328 23.17 -21.64 -0.84
N CYS A 329 22.43 -20.66 -1.36
CA CYS A 329 23.03 -19.57 -2.11
C CYS A 329 23.32 -18.34 -1.26
N LYS A 330 23.16 -18.48 0.05
CA LYS A 330 23.41 -17.40 0.99
C LYS A 330 24.78 -16.76 0.82
N ASP A 331 25.83 -17.58 0.81
CA ASP A 331 27.20 -17.07 0.70
C ASP A 331 27.56 -16.41 -0.63
N TYR A 332 27.02 -16.94 -1.72
CA TYR A 332 27.31 -16.39 -3.04
C TYR A 332 26.81 -14.96 -3.19
N VAL A 333 25.73 -14.63 -2.50
CA VAL A 333 25.20 -13.27 -2.55
C VAL A 333 26.25 -12.32 -2.00
N LEU A 334 26.85 -12.70 -0.88
CA LEU A 334 27.89 -11.87 -0.26
C LEU A 334 29.14 -11.78 -1.13
N LYS A 335 29.57 -12.92 -1.65
CA LYS A 335 30.76 -12.95 -2.50
C LYS A 335 30.55 -12.10 -3.75
N ALA A 336 29.36 -12.19 -4.34
CA ALA A 336 29.06 -11.40 -5.53
C ALA A 336 29.05 -9.92 -5.16
N LEU A 337 28.46 -9.63 -4.01
CA LEU A 337 28.37 -8.25 -3.52
C LEU A 337 29.78 -7.66 -3.43
N GLU A 338 30.68 -8.40 -2.78
CA GLU A 338 32.06 -7.96 -2.62
C GLU A 338 32.69 -7.67 -3.98
N LYS A 339 32.28 -8.40 -5.01
CA LYS A 339 32.84 -8.20 -6.34
C LYS A 339 32.05 -7.21 -7.20
N GLY A 340 31.23 -6.39 -6.56
CA GLY A 340 30.46 -5.39 -7.29
C GLY A 340 29.26 -5.89 -8.08
N LEU A 341 28.65 -6.99 -7.63
CA LEU A 341 27.48 -7.53 -8.31
C LEU A 341 26.38 -7.84 -7.32
N LEU A 342 25.19 -7.32 -7.58
CA LEU A 342 24.03 -7.55 -6.72
C LEU A 342 23.16 -8.66 -7.29
N ILE A 343 23.08 -9.77 -6.57
CA ILE A 343 22.24 -10.89 -6.97
C ILE A 343 21.38 -11.24 -5.76
N ASN A 344 20.39 -12.10 -5.96
CA ASN A 344 19.48 -12.47 -4.88
C ASN A 344 19.40 -13.99 -4.68
N CYS A 345 19.16 -14.39 -3.44
CA CYS A 345 19.04 -15.81 -3.11
C CYS A 345 17.66 -16.04 -2.52
N THR A 346 16.92 -16.97 -3.12
CA THR A 346 15.58 -17.26 -2.64
C THR A 346 15.34 -18.76 -2.62
N ALA A 347 14.29 -19.20 -1.92
CA ALA A 347 13.98 -20.62 -1.83
C ALA A 347 15.21 -21.38 -1.34
N GLY A 348 16.03 -20.69 -0.55
CA GLY A 348 17.23 -21.29 0.00
C GLY A 348 18.38 -21.58 -0.93
N LYS A 349 18.09 -22.19 -2.09
CA LYS A 349 19.16 -22.54 -3.02
C LYS A 349 19.04 -21.96 -4.42
N VAL A 350 18.07 -21.09 -4.64
CA VAL A 350 17.89 -20.51 -5.97
C VAL A 350 18.36 -19.07 -6.08
N LEU A 351 19.38 -18.85 -6.91
CA LEU A 351 19.86 -17.49 -7.13
C LEU A 351 18.86 -16.93 -8.13
N ARG A 352 18.28 -15.78 -7.80
CA ARG A 352 17.31 -15.14 -8.67
C ARG A 352 17.93 -13.89 -9.28
N PHE A 353 17.74 -13.70 -10.58
CA PHE A 353 18.27 -12.55 -11.29
C PHE A 353 17.13 -11.71 -11.84
N LEU A 354 17.08 -10.44 -11.48
CA LEU A 354 16.04 -9.53 -11.94
C LEU A 354 16.65 -8.20 -12.33
N PRO A 355 17.54 -8.21 -13.33
CA PRO A 355 18.17 -6.95 -13.76
C PRO A 355 17.16 -5.99 -14.36
N PRO A 356 17.52 -4.70 -14.47
CA PRO A 356 16.61 -3.72 -15.05
C PRO A 356 16.34 -4.18 -16.48
N LEU A 357 15.18 -3.82 -17.03
CA LEU A 357 14.85 -4.27 -18.37
C LEU A 357 15.69 -3.59 -19.47
N ILE A 358 16.46 -2.57 -19.10
CA ILE A 358 17.31 -1.87 -20.06
C ILE A 358 18.70 -2.52 -20.13
N ILE A 359 18.89 -3.60 -19.38
CA ILE A 359 20.18 -4.29 -19.34
C ILE A 359 20.63 -4.71 -20.75
N GLN A 360 21.94 -4.63 -21.00
CA GLN A 360 22.50 -5.00 -22.30
C GLN A 360 23.46 -6.17 -22.22
N LYS A 361 23.73 -6.81 -23.35
CA LYS A 361 24.62 -7.96 -23.39
C LYS A 361 25.97 -7.74 -22.73
N GLU A 362 26.57 -6.58 -22.95
CA GLU A 362 27.86 -6.25 -22.36
C GLU A 362 27.77 -6.37 -20.84
N HIS A 363 26.63 -5.93 -20.29
CA HIS A 363 26.40 -5.97 -18.85
C HIS A 363 26.21 -7.42 -18.39
N ILE A 364 25.49 -8.19 -19.20
CA ILE A 364 25.26 -9.60 -18.90
C ILE A 364 26.60 -10.31 -18.77
N ASP A 365 27.51 -10.04 -19.70
CA ASP A 365 28.83 -10.66 -19.68
C ASP A 365 29.56 -10.36 -18.38
N ARG A 366 29.46 -9.12 -17.94
CA ARG A 366 30.08 -8.68 -16.70
C ARG A 366 29.60 -9.53 -15.54
N ALA A 367 28.28 -9.68 -15.44
CA ALA A 367 27.69 -10.48 -14.37
C ALA A 367 28.10 -11.94 -14.47
N ILE A 368 28.09 -12.47 -15.68
CA ILE A 368 28.46 -13.87 -15.89
C ILE A 368 29.90 -14.11 -15.43
N SER A 369 30.80 -13.19 -15.75
CA SER A 369 32.19 -13.33 -15.34
C SER A 369 32.30 -13.48 -13.82
N VAL A 370 31.61 -12.60 -13.10
CA VAL A 370 31.62 -12.65 -11.63
C VAL A 370 31.09 -13.98 -11.14
N LEU A 371 30.00 -14.44 -11.76
CA LEU A 371 29.39 -15.71 -11.38
C LEU A 371 30.36 -16.86 -11.62
N ARG A 372 31.04 -16.84 -12.76
CA ARG A 372 31.99 -17.88 -13.09
C ARG A 372 33.08 -17.95 -12.03
N GLU A 373 33.51 -16.79 -11.54
CA GLU A 373 34.56 -16.72 -10.53
C GLU A 373 34.13 -17.09 -9.11
N ILE A 374 32.85 -17.01 -8.79
CA ILE A 374 32.40 -17.32 -7.43
C ILE A 374 31.68 -18.66 -7.26
N LEU A 375 30.96 -19.09 -8.29
CA LEU A 375 30.21 -20.33 -8.21
C LEU A 375 31.07 -21.59 -8.08
N THR B 1 -15.04 4.87 -19.87
CA THR B 1 -14.01 4.85 -18.78
C THR B 1 -13.37 3.48 -18.64
N TYR B 2 -12.06 3.46 -18.41
CA TYR B 2 -11.32 2.22 -18.24
C TYR B 2 -11.06 1.93 -16.77
N LEU B 3 -11.71 2.69 -15.89
CA LEU B 3 -11.56 2.54 -14.46
C LEU B 3 -12.80 1.90 -13.84
N MET B 4 -12.59 1.09 -12.80
CA MET B 4 -13.70 0.44 -12.12
C MET B 4 -14.57 1.50 -11.45
N ASN B 5 -15.84 1.17 -11.25
CA ASN B 5 -16.82 2.08 -10.67
C ASN B 5 -16.94 2.05 -9.15
N ASN B 6 -15.82 1.92 -8.45
CA ASN B 6 -15.85 1.84 -6.99
C ASN B 6 -15.89 3.19 -6.26
N TYR B 7 -15.72 4.29 -6.98
CA TYR B 7 -15.74 5.61 -6.35
C TYR B 7 -16.94 6.45 -6.79
N ALA B 8 -17.23 7.51 -6.02
CA ALA B 8 -18.30 8.44 -6.32
C ALA B 8 -17.59 9.79 -6.46
N ARG B 9 -16.89 9.96 -7.58
CA ARG B 9 -16.12 11.16 -7.84
C ARG B 9 -16.90 12.44 -8.12
N LEU B 10 -16.42 13.56 -7.56
CA LEU B 10 -17.04 14.85 -7.80
C LEU B 10 -16.69 15.25 -9.24
N PRO B 11 -17.62 15.92 -9.94
CA PRO B 11 -17.40 16.36 -11.33
C PRO B 11 -16.39 17.49 -11.50
N VAL B 12 -15.16 17.26 -11.06
CA VAL B 12 -14.11 18.26 -11.19
C VAL B 12 -12.75 17.58 -11.29
N LYS B 13 -11.87 18.17 -12.11
CA LYS B 13 -10.54 17.63 -12.28
C LYS B 13 -9.50 18.73 -12.18
N PHE B 14 -8.56 18.55 -11.25
CA PHE B 14 -7.50 19.51 -11.01
C PHE B 14 -6.27 19.13 -11.81
N VAL B 15 -5.47 20.14 -12.16
CA VAL B 15 -4.25 19.90 -12.93
C VAL B 15 -3.04 20.41 -12.16
N ARG B 16 -3.28 21.37 -11.28
CA ARG B 16 -2.20 21.96 -10.51
C ARG B 16 -2.68 22.58 -9.21
N GLY B 17 -1.76 22.73 -8.26
CA GLY B 17 -2.11 23.32 -6.99
C GLY B 17 -0.93 24.09 -6.45
N LYS B 18 -1.21 25.02 -5.56
CA LYS B 18 -0.15 25.80 -4.93
C LYS B 18 -0.70 26.38 -3.65
N GLY B 19 -0.02 26.08 -2.54
CA GLY B 19 -0.47 26.56 -1.26
C GLY B 19 -1.74 25.81 -0.91
N VAL B 20 -2.75 26.54 -0.48
CA VAL B 20 -4.02 25.92 -0.10
C VAL B 20 -5.07 25.98 -1.22
N TYR B 21 -4.59 26.21 -2.45
CA TYR B 21 -5.48 26.29 -3.60
C TYR B 21 -5.22 25.22 -4.65
N LEU B 22 -6.27 24.85 -5.36
CA LEU B 22 -6.19 23.87 -6.43
C LEU B 22 -6.80 24.54 -7.65
N TYR B 23 -6.37 24.11 -8.85
CA TYR B 23 -6.88 24.71 -10.08
C TYR B 23 -7.26 23.65 -11.11
N ASP B 24 -8.39 23.86 -11.79
CA ASP B 24 -8.83 22.94 -12.82
C ASP B 24 -8.25 23.42 -14.14
N GLU B 25 -8.51 22.68 -15.21
CA GLU B 25 -7.99 23.04 -16.53
C GLU B 25 -8.44 24.43 -16.96
N GLU B 26 -9.64 24.82 -16.51
CA GLU B 26 -10.19 26.12 -16.85
C GLU B 26 -9.45 27.26 -16.16
N GLY B 27 -8.63 26.92 -15.18
CA GLY B 27 -7.88 27.93 -14.44
C GLY B 27 -8.64 28.42 -13.24
N LYS B 28 -9.80 27.84 -12.98
CA LYS B 28 -10.62 28.23 -11.84
C LYS B 28 -9.93 27.81 -10.54
N GLU B 29 -9.90 28.74 -9.59
CA GLU B 29 -9.26 28.53 -8.29
C GLU B 29 -10.21 27.89 -7.28
N TYR B 30 -9.66 27.01 -6.45
CA TYR B 30 -10.44 26.30 -5.43
C TYR B 30 -9.71 26.30 -4.08
N LEU B 31 -10.38 26.81 -3.05
CA LEU B 31 -9.81 26.82 -1.70
C LEU B 31 -10.00 25.42 -1.13
N ASP B 32 -8.88 24.74 -0.89
CA ASP B 32 -8.87 23.36 -0.41
C ASP B 32 -9.01 23.14 1.10
N PHE B 33 -10.18 22.68 1.52
CA PHE B 33 -10.43 22.39 2.93
C PHE B 33 -10.65 20.89 3.16
N VAL B 34 -10.07 20.09 2.28
CA VAL B 34 -10.17 18.64 2.38
C VAL B 34 -8.77 18.03 2.29
N SER B 35 -7.86 18.74 1.63
CA SER B 35 -6.47 18.30 1.46
C SER B 35 -6.34 16.83 1.06
N GLY B 36 -7.17 16.39 0.11
CA GLY B 36 -7.12 15.01 -0.33
C GLY B 36 -7.39 14.05 0.80
N ILE B 37 -8.29 14.45 1.69
CA ILE B 37 -8.68 13.68 2.87
C ILE B 37 -7.56 13.65 3.92
N GLY B 38 -7.06 14.84 4.24
CA GLY B 38 -6.02 14.98 5.25
C GLY B 38 -4.64 14.47 4.88
N VAL B 39 -4.37 14.38 3.58
CA VAL B 39 -3.09 13.89 3.08
C VAL B 39 -2.10 15.04 2.80
N ASN B 40 -2.57 16.09 2.14
CA ASN B 40 -1.71 17.24 1.80
C ASN B 40 -1.52 18.16 2.99
N SER B 41 -0.84 17.65 4.00
CA SER B 41 -0.57 18.38 5.22
C SER B 41 0.10 19.73 5.00
N LEU B 42 0.96 19.81 4.00
CA LEU B 42 1.66 21.07 3.71
C LEU B 42 1.13 21.75 2.45
N GLY B 43 -0.11 21.43 2.10
CA GLY B 43 -0.69 22.02 0.92
C GLY B 43 -0.07 21.49 -0.36
N HIS B 44 -0.17 22.27 -1.43
CA HIS B 44 0.39 21.86 -2.72
C HIS B 44 1.62 22.66 -3.10
N ALA B 45 2.54 22.00 -3.79
CA ALA B 45 3.78 22.63 -4.23
C ALA B 45 4.49 23.34 -3.08
N TYR B 46 4.55 22.70 -1.91
CA TYR B 46 5.24 23.30 -0.77
C TYR B 46 6.71 23.35 -1.17
N PRO B 47 7.31 24.55 -1.19
CA PRO B 47 8.71 24.72 -1.59
C PRO B 47 9.73 23.73 -1.04
N LYS B 48 9.79 23.59 0.28
CA LYS B 48 10.76 22.69 0.88
C LYS B 48 10.57 21.24 0.45
N LEU B 49 9.30 20.82 0.37
CA LEU B 49 8.98 19.46 -0.02
C LEU B 49 9.24 19.25 -1.51
N THR B 50 8.83 20.21 -2.32
CA THR B 50 9.01 20.13 -3.75
C THR B 50 10.47 19.99 -4.14
N GLU B 51 11.31 20.86 -3.60
CA GLU B 51 12.73 20.81 -3.90
C GLU B 51 13.37 19.50 -3.44
N ALA B 52 12.98 19.03 -2.27
CA ALA B 52 13.52 17.78 -1.74
C ALA B 52 13.17 16.61 -2.65
N LEU B 53 11.91 16.53 -3.06
CA LEU B 53 11.47 15.44 -3.92
C LEU B 53 12.13 15.49 -5.30
N LYS B 54 12.25 16.68 -5.87
CA LYS B 54 12.90 16.78 -7.19
C LYS B 54 14.32 16.23 -7.08
N GLU B 55 15.01 16.56 -5.99
CA GLU B 55 16.37 16.07 -5.80
C GLU B 55 16.42 14.56 -5.61
N GLN B 56 15.51 14.02 -4.81
CA GLN B 56 15.51 12.59 -4.54
C GLN B 56 15.16 11.77 -5.78
N VAL B 57 14.23 12.26 -6.59
CA VAL B 57 13.83 11.56 -7.80
C VAL B 57 15.01 11.28 -8.74
N GLU B 58 15.89 12.27 -8.86
CA GLU B 58 17.05 12.16 -9.73
C GLU B 58 18.15 11.29 -9.12
N LYS B 59 18.07 11.10 -7.81
CA LYS B 59 19.08 10.34 -7.07
C LYS B 59 18.80 8.87 -6.82
N LEU B 60 17.67 8.56 -6.20
CA LEU B 60 17.34 7.16 -5.90
C LEU B 60 15.88 7.08 -5.47
N LEU B 61 15.11 6.26 -6.14
CA LEU B 61 13.70 6.12 -5.80
C LEU B 61 13.40 4.92 -4.93
N HIS B 62 14.12 3.83 -5.19
CA HIS B 62 13.87 2.58 -4.50
C HIS B 62 15.02 1.57 -4.61
N VAL B 63 15.25 0.80 -3.55
CA VAL B 63 16.27 -0.24 -3.59
C VAL B 63 15.75 -1.52 -2.92
N SER B 64 14.67 -1.38 -2.15
CA SER B 64 14.02 -2.46 -1.41
C SER B 64 14.67 -2.73 -0.06
N ASN B 65 13.97 -3.48 0.79
CA ASN B 65 14.46 -3.77 2.12
C ASN B 65 15.42 -4.97 2.17
N LEU B 66 15.88 -5.41 0.97
CA LEU B 66 16.97 -6.41 0.94
C LEU B 66 18.25 -5.81 1.52
N TYR B 67 18.33 -4.45 1.43
CA TYR B 67 19.51 -3.74 1.89
C TYR B 67 19.16 -2.80 3.06
N GLU B 68 20.19 -2.21 3.64
CA GLU B 68 19.99 -1.27 4.72
C GLU B 68 19.41 0.00 4.09
N ASN B 69 18.40 0.57 4.76
CA ASN B 69 17.75 1.78 4.29
C ASN B 69 17.95 2.84 5.38
N PRO B 70 19.09 3.56 5.33
CA PRO B 70 19.43 4.61 6.30
C PRO B 70 18.36 5.67 6.48
N TRP B 71 17.72 6.06 5.37
CA TRP B 71 16.67 7.07 5.39
C TRP B 71 15.49 6.64 6.27
N GLN B 72 15.30 5.32 6.42
CA GLN B 72 14.22 4.83 7.26
C GLN B 72 14.58 5.09 8.72
N GLU B 73 15.84 4.89 9.06
CA GLU B 73 16.32 5.13 10.41
C GLU B 73 16.13 6.59 10.80
N GLU B 74 16.45 7.48 9.86
CA GLU B 74 16.34 8.91 10.12
C GLU B 74 14.91 9.34 10.40
N LEU B 75 13.99 8.90 9.55
CA LEU B 75 12.59 9.26 9.75
C LEU B 75 12.05 8.60 11.01
N ALA B 76 12.40 7.33 11.21
CA ALA B 76 11.95 6.58 12.39
C ALA B 76 12.35 7.28 13.69
N HIS B 77 13.57 7.80 13.70
CA HIS B 77 14.11 8.50 14.87
C HIS B 77 13.24 9.71 15.22
N LYS B 78 12.79 10.42 14.19
CA LYS B 78 11.96 11.60 14.39
C LYS B 78 10.56 11.23 14.86
N LEU B 79 10.07 10.07 14.46
CA LEU B 79 8.75 9.63 14.88
C LEU B 79 8.81 9.12 16.32
N VAL B 80 9.85 8.35 16.61
CA VAL B 80 10.01 7.78 17.94
C VAL B 80 10.34 8.83 19.00
N LYS B 81 11.03 9.89 18.61
CA LYS B 81 11.40 10.92 19.56
C LYS B 81 10.16 11.64 20.11
N HIS B 82 9.04 11.51 19.40
CA HIS B 82 7.78 12.13 19.80
C HIS B 82 6.86 11.15 20.52
N PHE B 83 7.24 9.87 20.52
CA PHE B 83 6.45 8.84 21.17
C PHE B 83 6.62 8.95 22.69
N TRP B 84 5.71 8.36 23.46
CA TRP B 84 5.77 8.45 24.91
C TRP B 84 6.84 7.57 25.56
N THR B 85 7.37 6.61 24.81
CA THR B 85 8.39 5.72 25.34
C THR B 85 9.31 5.22 24.21
N GLU B 86 10.28 4.39 24.55
CA GLU B 86 11.20 3.82 23.57
C GLU B 86 10.37 2.98 22.61
N GLY B 87 10.62 3.13 21.32
CA GLY B 87 9.86 2.35 20.36
C GLY B 87 10.59 2.13 19.05
N LYS B 88 9.97 1.35 18.17
CA LYS B 88 10.54 1.05 16.87
C LYS B 88 9.48 1.21 15.78
N VAL B 89 9.95 1.39 14.55
CA VAL B 89 9.07 1.62 13.41
C VAL B 89 9.20 0.61 12.28
N PHE B 90 8.08 0.33 11.62
CA PHE B 90 8.05 -0.53 10.44
C PHE B 90 7.33 0.35 9.42
N PHE B 91 7.91 0.52 8.24
CA PHE B 91 7.28 1.38 7.23
C PHE B 91 6.46 0.60 6.21
N ALA B 92 5.33 1.18 5.86
CA ALA B 92 4.41 0.58 4.88
C ALA B 92 4.11 1.63 3.81
N ASN B 93 3.07 1.40 3.02
CA ASN B 93 2.73 2.32 1.94
C ASN B 93 1.39 3.02 2.05
N SER B 94 0.60 2.65 3.05
CA SER B 94 -0.71 3.23 3.20
C SER B 94 -1.24 2.98 4.60
N GLY B 95 -2.35 3.63 4.93
CA GLY B 95 -2.97 3.44 6.22
C GLY B 95 -3.44 2.01 6.41
N THR B 96 -4.12 1.46 5.41
CA THR B 96 -4.61 0.09 5.53
C THR B 96 -3.45 -0.88 5.75
N GLU B 97 -2.34 -0.72 5.01
CA GLU B 97 -1.21 -1.62 5.21
C GLU B 97 -0.65 -1.46 6.63
N SER B 98 -0.76 -0.25 7.18
CA SER B 98 -0.25 0.01 8.53
C SER B 98 -1.09 -0.68 9.59
N VAL B 99 -2.41 -0.62 9.43
CA VAL B 99 -3.28 -1.27 10.40
C VAL B 99 -3.03 -2.78 10.32
N GLU B 100 -2.86 -3.29 9.10
CA GLU B 100 -2.59 -4.72 8.91
C GLU B 100 -1.35 -5.13 9.70
N ALA B 101 -0.30 -4.31 9.62
CA ALA B 101 0.95 -4.61 10.34
C ALA B 101 0.71 -4.64 11.84
N ALA B 102 -0.09 -3.70 12.35
CA ALA B 102 -0.40 -3.61 13.77
C ALA B 102 -1.16 -4.84 14.25
N ILE B 103 -2.10 -5.32 13.45
CA ILE B 103 -2.87 -6.50 13.81
C ILE B 103 -1.94 -7.72 13.85
N LYS B 104 -1.10 -7.86 12.84
CA LYS B 104 -0.17 -8.99 12.81
C LYS B 104 0.84 -8.90 13.96
N LEU B 105 1.30 -7.71 14.28
CA LEU B 105 2.25 -7.55 15.37
C LEU B 105 1.60 -7.93 16.69
N ALA B 106 0.36 -7.47 16.90
CA ALA B 106 -0.37 -7.76 18.13
C ALA B 106 -0.59 -9.25 18.33
N ARG B 107 -1.00 -9.95 17.28
CA ARG B 107 -1.22 -11.39 17.40
C ARG B 107 0.06 -12.17 17.66
N LYS B 108 1.13 -11.85 16.93
CA LYS B 108 2.38 -12.56 17.12
C LYS B 108 2.99 -12.26 18.49
N TYR B 109 2.71 -11.07 19.01
CA TYR B 109 3.22 -10.65 20.30
C TYR B 109 2.79 -11.63 21.40
N TRP B 110 1.52 -12.00 21.38
CA TRP B 110 0.99 -12.91 22.39
C TRP B 110 1.40 -14.35 22.10
N ARG B 111 1.40 -14.72 20.83
CA ARG B 111 1.80 -16.06 20.44
C ARG B 111 3.24 -16.32 20.89
N ASP B 112 4.08 -15.29 20.81
CA ASP B 112 5.47 -15.44 21.24
C ASP B 112 5.53 -15.80 22.72
N LYS B 113 4.55 -15.32 23.48
CA LYS B 113 4.49 -15.59 24.92
C LYS B 113 3.77 -16.90 25.23
N GLY B 114 3.40 -17.64 24.18
CA GLY B 114 2.70 -18.89 24.38
C GLY B 114 1.27 -18.69 24.82
N LYS B 115 0.75 -17.48 24.59
CA LYS B 115 -0.62 -17.17 24.96
C LYS B 115 -1.49 -17.14 23.70
N ASN B 116 -2.70 -17.67 23.81
CA ASN B 116 -3.60 -17.72 22.67
C ASN B 116 -4.55 -16.54 22.62
N LYS B 117 -4.01 -15.33 22.54
CA LYS B 117 -4.82 -14.13 22.45
C LYS B 117 -4.77 -13.71 20.99
N TRP B 118 -5.91 -13.74 20.32
CA TRP B 118 -5.97 -13.40 18.90
C TRP B 118 -7.14 -12.50 18.53
N LYS B 119 -8.03 -12.24 19.48
CA LYS B 119 -9.20 -11.42 19.21
C LYS B 119 -8.94 -9.93 19.35
N PHE B 120 -9.73 -9.14 18.63
CA PHE B 120 -9.62 -7.70 18.69
C PHE B 120 -10.98 -7.07 18.88
N ILE B 121 -10.98 -5.96 19.61
CA ILE B 121 -12.19 -5.21 19.82
C ILE B 121 -11.96 -3.87 19.16
N SER B 122 -12.80 -3.52 18.20
CA SER B 122 -12.72 -2.22 17.52
C SER B 122 -14.08 -1.57 17.75
N PHE B 123 -14.36 -0.45 17.09
CA PHE B 123 -15.62 0.24 17.34
C PHE B 123 -16.54 0.52 16.15
N GLU B 124 -17.82 0.65 16.44
CA GLU B 124 -18.80 0.95 15.39
C GLU B 124 -18.44 2.33 14.85
N ASN B 125 -18.66 2.51 13.55
CA ASN B 125 -18.37 3.76 12.85
C ASN B 125 -16.89 4.01 12.65
N SER B 126 -16.07 3.00 12.89
CA SER B 126 -14.63 3.16 12.71
C SER B 126 -14.28 2.85 11.26
N PHE B 127 -13.07 3.24 10.86
CA PHE B 127 -12.60 2.95 9.51
C PHE B 127 -11.10 2.77 9.62
N HIS B 128 -10.64 1.56 9.34
CA HIS B 128 -9.23 1.23 9.44
C HIS B 128 -8.58 0.77 8.15
N GLY B 129 -9.36 0.64 7.09
CA GLY B 129 -8.79 0.19 5.82
C GLY B 129 -9.70 -0.74 5.05
N ARG B 130 -9.31 -1.05 3.82
CA ARG B 130 -10.11 -1.90 2.94
C ARG B 130 -9.54 -3.30 2.69
N THR B 131 -8.28 -3.53 3.07
CA THR B 131 -7.68 -4.85 2.91
C THR B 131 -8.29 -5.73 4.01
N TYR B 132 -8.32 -7.05 3.80
CA TYR B 132 -8.96 -7.95 4.75
C TYR B 132 -8.76 -7.78 6.25
N GLY B 133 -7.52 -7.58 6.70
CA GLY B 133 -7.30 -7.40 8.12
C GLY B 133 -7.93 -6.11 8.62
N SER B 134 -7.63 -5.02 7.91
CA SER B 134 -8.15 -3.72 8.25
C SER B 134 -9.66 -3.65 8.08
N LEU B 135 -10.16 -4.35 7.08
CA LEU B 135 -11.59 -4.36 6.82
C LEU B 135 -12.36 -5.06 7.96
N SER B 136 -11.73 -6.08 8.53
CA SER B 136 -12.35 -6.83 9.63
C SER B 136 -12.41 -5.96 10.87
N ALA B 137 -11.45 -5.05 11.00
CA ALA B 137 -11.38 -4.14 12.13
C ALA B 137 -12.35 -2.98 11.94
N THR B 138 -12.65 -2.67 10.68
CA THR B 138 -13.56 -1.59 10.34
C THR B 138 -14.98 -1.96 10.80
N GLY B 139 -15.51 -1.17 11.74
CA GLY B 139 -16.83 -1.45 12.29
C GLY B 139 -18.00 -0.91 11.51
N GLN B 140 -18.04 -1.21 10.21
CA GLN B 140 -19.12 -0.76 9.36
C GLN B 140 -19.47 -1.88 8.37
N PRO B 141 -20.46 -2.70 8.72
CA PRO B 141 -20.91 -3.82 7.90
C PRO B 141 -21.15 -3.49 6.43
N LYS B 142 -21.59 -2.27 6.14
CA LYS B 142 -21.84 -1.89 4.76
C LYS B 142 -20.60 -2.07 3.90
N PHE B 143 -19.42 -1.91 4.50
CA PHE B 143 -18.18 -2.07 3.75
C PHE B 143 -17.74 -3.54 3.67
N HIS B 144 -18.39 -4.37 4.52
CA HIS B 144 -18.08 -5.81 4.50
C HIS B 144 -18.90 -6.55 3.43
N LYS B 145 -20.05 -5.91 3.07
CA LYS B 145 -21.06 -6.49 2.19
C LYS B 145 -20.50 -7.06 0.87
N GLY B 146 -20.46 -8.40 0.81
CA GLY B 146 -20.02 -9.09 -0.39
C GLY B 146 -18.62 -9.68 -0.34
N PHE B 147 -17.89 -9.41 0.74
CA PHE B 147 -16.51 -9.89 0.87
C PHE B 147 -16.29 -10.97 1.92
N GLU B 148 -17.34 -11.27 2.69
CA GLU B 148 -17.26 -12.27 3.75
C GLU B 148 -16.89 -13.63 3.18
N PRO B 149 -16.28 -14.51 4.00
CA PRO B 149 -15.92 -14.31 5.40
C PRO B 149 -14.67 -13.43 5.61
N LEU B 150 -14.69 -12.64 6.68
CA LEU B 150 -13.58 -11.77 7.02
C LEU B 150 -12.63 -12.52 7.95
N VAL B 151 -11.61 -11.83 8.46
CA VAL B 151 -10.68 -12.46 9.39
C VAL B 151 -11.44 -12.65 10.71
N PRO B 152 -11.44 -13.87 11.25
CA PRO B 152 -12.15 -14.16 12.50
C PRO B 152 -11.53 -13.47 13.72
N GLY B 153 -12.36 -13.17 14.72
CA GLY B 153 -11.86 -12.56 15.93
C GLY B 153 -12.15 -11.10 16.21
N PHE B 154 -12.85 -10.42 15.31
CA PHE B 154 -13.17 -9.01 15.51
C PHE B 154 -14.60 -8.75 15.95
N SER B 155 -14.77 -8.00 17.03
CA SER B 155 -16.09 -7.63 17.52
C SER B 155 -16.10 -6.11 17.64
N TYR B 156 -17.29 -5.51 17.58
CA TYR B 156 -17.42 -4.06 17.61
C TYR B 156 -18.15 -3.47 18.82
N ALA B 157 -17.42 -2.72 19.63
CA ALA B 157 -18.01 -2.06 20.79
C ALA B 157 -18.49 -0.69 20.34
N LYS B 158 -18.99 0.11 21.28
CA LYS B 158 -19.50 1.44 20.95
C LYS B 158 -18.63 2.54 21.56
N LEU B 159 -18.33 3.55 20.77
CA LEU B 159 -17.50 4.66 21.22
C LEU B 159 -18.13 5.31 22.44
N ASN B 160 -17.30 5.64 23.43
CA ASN B 160 -17.73 6.27 24.67
C ASN B 160 -18.74 5.45 25.45
N ASP B 161 -18.66 4.13 25.27
CA ASP B 161 -19.54 3.19 25.95
C ASP B 161 -18.60 2.12 26.49
N ILE B 162 -17.99 2.40 27.64
CA ILE B 162 -17.04 1.46 28.20
C ILE B 162 -17.66 0.11 28.54
N ASP B 163 -18.95 0.09 28.83
CA ASP B 163 -19.62 -1.17 29.15
C ASP B 163 -19.68 -2.10 27.94
N SER B 164 -19.88 -1.54 26.77
CA SER B 164 -19.93 -2.34 25.55
C SER B 164 -18.57 -3.00 25.32
N VAL B 165 -17.51 -2.39 25.84
CA VAL B 165 -16.17 -2.95 25.68
C VAL B 165 -15.98 -4.13 26.64
N TYR B 166 -16.34 -3.92 27.90
CA TYR B 166 -16.21 -5.00 28.89
C TYR B 166 -16.92 -6.27 28.44
N LYS B 167 -18.08 -6.10 27.82
CA LYS B 167 -18.89 -7.22 27.37
C LYS B 167 -18.22 -8.10 26.31
N LEU B 168 -17.48 -7.49 25.39
CA LEU B 168 -16.82 -8.24 24.33
C LEU B 168 -15.43 -8.76 24.70
N LEU B 169 -14.91 -8.27 25.82
CA LEU B 169 -13.58 -8.67 26.27
C LEU B 169 -13.53 -10.02 26.99
N ASP B 170 -12.55 -10.84 26.62
CA ASP B 170 -12.35 -12.14 27.26
C ASP B 170 -10.85 -12.39 27.32
N GLU B 171 -10.45 -13.56 27.82
CA GLU B 171 -9.04 -13.87 27.93
C GLU B 171 -8.35 -14.17 26.60
N GLU B 172 -9.13 -14.19 25.53
CA GLU B 172 -8.60 -14.44 24.20
C GLU B 172 -8.43 -13.16 23.40
N THR B 173 -8.65 -12.02 24.06
CA THR B 173 -8.54 -10.71 23.39
C THR B 173 -7.09 -10.20 23.33
N ALA B 174 -6.59 -10.02 22.11
CA ALA B 174 -5.22 -9.54 21.90
C ALA B 174 -5.12 -8.02 22.02
N GLY B 175 -6.08 -7.31 21.46
CA GLY B 175 -6.04 -5.87 21.54
C GLY B 175 -7.32 -5.13 21.28
N ILE B 176 -7.28 -3.84 21.57
CA ILE B 176 -8.40 -2.94 21.37
C ILE B 176 -7.87 -1.91 20.39
N ILE B 177 -8.57 -1.75 19.26
CA ILE B 177 -8.18 -0.81 18.21
C ILE B 177 -9.13 0.37 18.18
N ILE B 178 -8.59 1.59 18.29
CA ILE B 178 -9.45 2.77 18.28
C ILE B 178 -8.83 4.00 17.64
N GLU B 179 -9.69 4.91 17.17
CA GLU B 179 -9.29 6.18 16.60
C GLU B 179 -9.66 7.20 17.68
N VAL B 180 -8.71 8.05 18.07
CA VAL B 180 -8.97 9.06 19.09
C VAL B 180 -10.16 9.90 18.65
N ILE B 181 -10.25 10.15 17.35
CA ILE B 181 -11.36 10.89 16.76
C ILE B 181 -11.65 10.11 15.47
N GLN B 182 -12.89 9.67 15.29
CA GLN B 182 -13.26 8.91 14.10
C GLN B 182 -13.57 9.91 12.99
N GLY B 183 -12.69 9.95 11.98
CA GLY B 183 -12.87 10.89 10.89
C GLY B 183 -13.99 10.53 9.94
N GLU B 184 -13.76 9.51 9.13
CA GLU B 184 -14.72 9.02 8.14
C GLU B 184 -16.07 8.76 8.79
N GLY B 185 -16.03 8.36 10.06
CA GLY B 185 -17.25 8.05 10.79
C GLY B 185 -18.10 9.24 11.21
N GLY B 186 -17.63 10.46 10.90
CA GLY B 186 -18.39 11.65 11.25
C GLY B 186 -17.72 12.56 12.26
N VAL B 187 -16.40 12.43 12.38
CA VAL B 187 -15.62 13.24 13.32
C VAL B 187 -16.15 13.03 14.74
N ASN B 188 -16.24 11.76 15.13
CA ASN B 188 -16.73 11.39 16.45
C ASN B 188 -15.58 11.36 17.44
N GLU B 189 -15.67 12.18 18.49
CA GLU B 189 -14.62 12.27 19.50
C GLU B 189 -14.76 11.34 20.70
N ALA B 190 -13.71 10.55 20.94
CA ALA B 190 -13.71 9.65 22.10
C ALA B 190 -13.41 10.59 23.27
N SER B 191 -14.20 10.51 24.33
CA SER B 191 -13.99 11.38 25.49
C SER B 191 -12.75 11.02 26.29
N GLU B 192 -12.25 11.99 27.06
CA GLU B 192 -11.07 11.77 27.90
C GLU B 192 -11.37 10.66 28.91
N ASP B 193 -12.59 10.68 29.45
CA ASP B 193 -13.00 9.69 30.44
C ASP B 193 -12.97 8.30 29.83
N PHE B 194 -13.57 8.15 28.66
CA PHE B 194 -13.61 6.87 27.96
C PHE B 194 -12.21 6.38 27.61
N LEU B 195 -11.39 7.27 27.05
CA LEU B 195 -10.03 6.90 26.69
C LEU B 195 -9.21 6.52 27.91
N SER B 196 -9.40 7.27 28.99
CA SER B 196 -8.68 6.97 30.22
C SER B 196 -9.05 5.58 30.73
N LYS B 197 -10.34 5.25 30.66
CA LYS B 197 -10.81 3.95 31.11
C LYS B 197 -10.28 2.86 30.18
N LEU B 198 -10.32 3.13 28.88
CA LEU B 198 -9.86 2.15 27.90
C LEU B 198 -8.41 1.80 28.20
N GLN B 199 -7.61 2.82 28.52
CA GLN B 199 -6.21 2.58 28.83
C GLN B 199 -6.08 1.71 30.08
N GLU B 200 -6.86 2.04 31.11
CA GLU B 200 -6.83 1.28 32.35
C GLU B 200 -7.20 -0.18 32.12
N ILE B 201 -8.18 -0.42 31.27
CA ILE B 201 -8.59 -1.78 30.98
C ILE B 201 -7.42 -2.55 30.37
N CYS B 202 -6.75 -1.95 29.39
CA CYS B 202 -5.62 -2.61 28.73
C CYS B 202 -4.52 -3.02 29.71
N LYS B 203 -4.28 -2.18 30.72
CA LYS B 203 -3.27 -2.47 31.74
C LYS B 203 -3.81 -3.57 32.65
N GLU B 204 -5.07 -3.41 33.05
CA GLU B 204 -5.75 -4.35 33.94
C GLU B 204 -5.93 -5.74 33.32
N LYS B 205 -6.56 -5.79 32.15
CA LYS B 205 -6.83 -7.06 31.48
C LYS B 205 -5.70 -7.62 30.62
N ASP B 206 -4.57 -6.92 30.59
CA ASP B 206 -3.43 -7.41 29.81
C ASP B 206 -3.74 -7.52 28.32
N VAL B 207 -4.25 -6.42 27.75
CA VAL B 207 -4.61 -6.35 26.34
C VAL B 207 -3.88 -5.15 25.72
N LEU B 208 -3.43 -5.28 24.47
CA LEU B 208 -2.71 -4.17 23.84
C LEU B 208 -3.63 -3.04 23.38
N LEU B 209 -3.18 -1.81 23.58
CA LEU B 209 -3.95 -0.65 23.14
C LEU B 209 -3.33 -0.19 21.81
N ILE B 210 -4.11 -0.32 20.75
CA ILE B 210 -3.68 0.03 19.40
C ILE B 210 -4.48 1.24 18.93
N ILE B 211 -3.79 2.36 18.71
CA ILE B 211 -4.48 3.57 18.26
C ILE B 211 -4.19 3.85 16.79
N ASP B 212 -5.26 3.95 16.00
CA ASP B 212 -5.13 4.22 14.58
C ASP B 212 -5.07 5.75 14.44
N GLU B 213 -3.89 6.26 14.14
CA GLU B 213 -3.69 7.70 13.97
C GLU B 213 -3.41 8.02 12.50
N VAL B 214 -3.94 7.19 11.61
CA VAL B 214 -3.75 7.40 10.19
C VAL B 214 -4.32 8.75 9.79
N GLN B 215 -5.47 9.10 10.35
CA GLN B 215 -6.11 10.38 10.03
C GLN B 215 -5.80 11.47 11.05
N THR B 216 -5.68 11.12 12.32
CA THR B 216 -5.40 12.11 13.36
C THR B 216 -3.92 12.43 13.54
N GLY B 217 -3.06 11.57 13.01
CA GLY B 217 -1.63 11.74 13.18
C GLY B 217 -0.93 12.88 12.46
N ILE B 218 0.27 13.15 12.94
CA ILE B 218 1.14 14.19 12.39
C ILE B 218 0.58 15.61 12.43
N GLY B 219 0.21 16.04 13.62
CA GLY B 219 -0.29 17.39 13.83
C GLY B 219 -1.70 17.77 13.47
N ARG B 220 -2.41 16.88 12.80
CA ARG B 220 -3.79 17.14 12.37
C ARG B 220 -4.72 17.70 13.46
N THR B 221 -4.61 17.22 14.70
CA THR B 221 -5.49 17.68 15.77
C THR B 221 -4.91 18.72 16.71
N GLY B 222 -3.69 19.18 16.46
CA GLY B 222 -3.11 20.17 17.34
C GLY B 222 -1.96 19.66 18.19
N GLU B 223 -1.69 18.36 18.10
CA GLU B 223 -0.59 17.73 18.80
C GLU B 223 0.05 16.84 17.75
N PHE B 224 1.31 16.47 17.92
CA PHE B 224 1.94 15.64 16.92
C PHE B 224 1.14 14.34 16.75
N TYR B 225 0.81 13.70 17.86
CA TYR B 225 -0.02 12.50 17.83
C TYR B 225 -1.25 12.88 18.66
N ALA B 226 -2.44 12.59 18.13
CA ALA B 226 -3.66 12.93 18.83
C ALA B 226 -3.77 12.29 20.20
N TYR B 227 -3.11 11.16 20.41
CA TYR B 227 -3.21 10.52 21.71
C TYR B 227 -2.59 11.39 22.83
N GLN B 228 -1.72 12.30 22.44
CA GLN B 228 -1.05 13.17 23.40
C GLN B 228 -1.96 14.18 24.09
N HIS B 229 -3.18 14.35 23.56
CA HIS B 229 -4.14 15.28 24.16
C HIS B 229 -4.59 14.74 25.51
N PHE B 230 -4.53 13.42 25.67
CA PHE B 230 -4.97 12.77 26.89
C PHE B 230 -3.86 11.99 27.57
N ASN B 231 -2.61 12.32 27.27
CA ASN B 231 -1.47 11.64 27.87
C ASN B 231 -1.60 10.12 27.81
N LEU B 232 -2.18 9.60 26.73
CA LEU B 232 -2.34 8.16 26.58
C LEU B 232 -0.99 7.48 26.40
N LYS B 233 -0.98 6.18 26.62
CA LYS B 233 0.25 5.40 26.47
C LYS B 233 0.02 4.18 25.59
N PRO B 234 -0.25 4.40 24.30
CA PRO B 234 -0.51 3.30 23.37
C PRO B 234 0.66 2.34 23.17
N ASP B 235 0.33 1.06 22.99
CA ASP B 235 1.33 0.03 22.77
C ASP B 235 1.78 0.10 21.31
N VAL B 236 0.83 0.42 20.43
CA VAL B 236 1.10 0.53 19.00
C VAL B 236 0.21 1.61 18.37
N ILE B 237 0.75 2.33 17.40
CA ILE B 237 -0.02 3.33 16.70
C ILE B 237 0.23 3.16 15.21
N ALA B 238 -0.77 3.46 14.40
CA ALA B 238 -0.68 3.37 12.94
C ALA B 238 -0.67 4.78 12.40
N LEU B 239 0.11 5.03 11.36
CA LEU B 239 0.22 6.35 10.77
C LEU B 239 0.28 6.25 9.25
N ALA B 240 -0.18 7.30 8.57
CA ALA B 240 -0.16 7.38 7.12
C ALA B 240 -0.67 8.75 6.69
N LYS B 241 -1.44 8.80 5.61
CA LYS B 241 -2.00 10.04 5.08
C LYS B 241 -1.06 11.27 5.15
N GLY B 242 -1.34 12.21 6.04
CA GLY B 242 -0.55 13.42 6.16
C GLY B 242 0.95 13.30 6.38
N LEU B 243 1.41 12.11 6.76
CA LEU B 243 2.83 11.85 7.04
C LEU B 243 3.73 12.10 5.83
N GLY B 244 3.21 11.81 4.64
CA GLY B 244 3.99 11.98 3.42
C GLY B 244 3.68 13.24 2.62
N GLY B 245 2.82 14.10 3.15
CA GLY B 245 2.49 15.33 2.45
C GLY B 245 2.02 15.16 1.01
N GLY B 246 1.59 13.95 0.65
CA GLY B 246 1.14 13.71 -0.71
C GLY B 246 1.77 12.48 -1.31
N VAL B 247 2.93 12.10 -0.79
CA VAL B 247 3.63 10.92 -1.27
C VAL B 247 3.12 9.73 -0.45
N PRO B 248 2.85 8.59 -1.10
CA PRO B 248 2.36 7.42 -0.37
C PRO B 248 3.33 6.90 0.69
N ILE B 249 2.84 6.74 1.91
CA ILE B 249 3.65 6.23 3.01
C ILE B 249 2.75 5.81 4.17
N GLY B 250 3.23 4.88 4.97
CA GLY B 250 2.47 4.43 6.13
C GLY B 250 3.47 3.89 7.11
N ALA B 251 3.06 3.66 8.35
CA ALA B 251 3.98 3.13 9.34
C ALA B 251 3.27 2.79 10.64
N ILE B 252 3.87 1.88 11.39
CA ILE B 252 3.37 1.55 12.71
C ILE B 252 4.55 1.82 13.62
N LEU B 253 4.25 2.28 14.83
CA LEU B 253 5.27 2.58 15.82
C LEU B 253 4.80 1.86 17.06
N ALA B 254 5.61 0.92 17.55
CA ALA B 254 5.25 0.15 18.73
C ALA B 254 6.31 0.29 19.81
N ARG B 255 5.91 0.16 21.08
CA ARG B 255 6.89 0.27 22.15
C ARG B 255 7.84 -0.92 22.04
N GLU B 256 9.09 -0.68 22.45
CA GLU B 256 10.16 -1.67 22.40
C GLU B 256 9.79 -3.14 22.61
N GLU B 257 9.26 -3.44 23.79
CA GLU B 257 8.91 -4.81 24.15
C GLU B 257 7.94 -5.48 23.17
N VAL B 258 7.02 -4.71 22.60
CA VAL B 258 6.07 -5.24 21.63
C VAL B 258 6.73 -5.38 20.26
N ALA B 259 7.46 -4.35 19.85
CA ALA B 259 8.16 -4.35 18.57
C ALA B 259 9.05 -5.57 18.35
N GLN B 260 9.59 -6.11 19.45
CA GLN B 260 10.45 -7.28 19.39
C GLN B 260 9.86 -8.47 18.64
N SER B 261 8.54 -8.63 18.70
CA SER B 261 7.89 -9.75 18.04
C SER B 261 7.98 -9.72 16.51
N PHE B 262 8.31 -8.58 15.93
CA PHE B 262 8.45 -8.50 14.49
C PHE B 262 9.88 -8.93 14.19
N THR B 263 10.06 -10.24 14.14
CA THR B 263 11.36 -10.88 13.89
C THR B 263 11.64 -11.05 12.39
N PRO B 264 12.89 -11.35 12.04
CA PRO B 264 13.28 -11.53 10.63
C PRO B 264 12.36 -12.47 9.86
N GLY B 265 11.82 -11.98 8.74
CA GLY B 265 10.94 -12.77 7.91
C GLY B 265 9.50 -12.86 8.35
N SER B 266 9.17 -12.24 9.48
CA SER B 266 7.80 -12.29 10.00
C SER B 266 6.84 -11.38 9.23
N HIS B 267 7.38 -10.33 8.61
CA HIS B 267 6.55 -9.39 7.86
C HIS B 267 7.47 -8.54 6.97
N GLY B 268 6.90 -7.86 6.00
CA GLY B 268 7.70 -7.03 5.12
C GLY B 268 6.88 -6.35 4.05
N SER B 269 7.53 -5.51 3.26
CA SER B 269 6.88 -4.77 2.18
C SER B 269 7.95 -4.42 1.12
N THR B 270 7.59 -4.54 -0.15
CA THR B 270 8.53 -4.22 -1.21
C THR B 270 8.83 -2.72 -1.28
N PHE B 271 7.78 -1.92 -1.42
CA PHE B 271 7.92 -0.47 -1.52
C PHE B 271 8.11 0.22 -0.18
N GLY B 272 7.74 -0.46 0.90
CA GLY B 272 7.83 0.13 2.22
C GLY B 272 9.14 0.79 2.60
N GLY B 273 9.05 2.05 3.04
CA GLY B 273 10.24 2.77 3.46
C GLY B 273 11.21 3.16 2.36
N ASN B 274 10.73 3.29 1.12
CA ASN B 274 11.61 3.67 0.02
C ASN B 274 12.16 5.07 0.30
N PRO B 275 13.28 5.43 -0.33
CA PRO B 275 13.86 6.76 -0.09
C PRO B 275 13.03 7.97 -0.46
N LEU B 276 12.12 7.83 -1.43
CA LEU B 276 11.29 8.96 -1.83
C LEU B 276 10.26 9.29 -0.75
N ALA B 277 9.59 8.26 -0.23
CA ALA B 277 8.58 8.45 0.80
C ALA B 277 9.22 8.97 2.10
N CYS B 278 10.34 8.37 2.47
CA CYS B 278 11.04 8.79 3.68
C CYS B 278 11.57 10.22 3.54
N ARG B 279 11.98 10.59 2.33
CA ARG B 279 12.47 11.95 2.12
C ARG B 279 11.28 12.89 2.37
N ALA B 280 10.12 12.54 1.83
CA ALA B 280 8.92 13.36 2.01
C ALA B 280 8.53 13.38 3.49
N GLY B 281 8.53 12.22 4.13
CA GLY B 281 8.17 12.16 5.54
C GLY B 281 9.06 12.99 6.43
N THR B 282 10.36 13.00 6.13
CA THR B 282 11.29 13.78 6.93
C THR B 282 10.94 15.26 6.86
N VAL B 283 10.63 15.74 5.65
CA VAL B 283 10.28 17.14 5.49
C VAL B 283 9.03 17.48 6.26
N VAL B 284 7.99 16.67 6.09
CA VAL B 284 6.72 16.90 6.77
C VAL B 284 6.83 16.94 8.29
N VAL B 285 7.47 15.93 8.88
CA VAL B 285 7.61 15.88 10.33
C VAL B 285 8.32 17.08 10.92
N ASP B 286 9.42 17.51 10.27
CA ASP B 286 10.15 18.67 10.77
C ASP B 286 9.33 19.93 10.67
N GLU B 287 8.56 20.03 9.58
CA GLU B 287 7.74 21.20 9.35
C GLU B 287 6.53 21.26 10.27
N VAL B 288 5.88 20.12 10.48
CA VAL B 288 4.71 20.09 11.35
C VAL B 288 5.10 20.43 12.78
N GLU B 289 6.25 19.95 13.21
CA GLU B 289 6.70 20.25 14.57
C GLU B 289 6.78 21.77 14.76
N LYS B 290 7.25 22.48 13.74
CA LYS B 290 7.35 23.94 13.82
C LYS B 290 6.00 24.61 13.71
N LEU B 291 5.08 24.01 12.96
CA LEU B 291 3.75 24.56 12.75
C LEU B 291 2.72 24.30 13.85
N LEU B 292 3.00 23.34 14.72
CA LEU B 292 2.05 22.98 15.76
C LEU B 292 1.42 24.14 16.53
N PRO B 293 2.23 25.10 17.00
CA PRO B 293 1.61 26.21 17.73
C PRO B 293 0.59 26.93 16.84
N HIS B 294 0.90 27.03 15.55
CA HIS B 294 0.00 27.70 14.61
C HIS B 294 -1.25 26.86 14.36
N VAL B 295 -1.06 25.54 14.24
CA VAL B 295 -2.20 24.67 14.01
C VAL B 295 -3.17 24.82 15.19
N ARG B 296 -2.64 24.88 16.40
CA ARG B 296 -3.50 25.01 17.56
C ARG B 296 -4.26 26.34 17.52
N GLU B 297 -3.55 27.42 17.23
CA GLU B 297 -4.14 28.75 17.17
C GLU B 297 -5.19 28.89 16.07
N VAL B 298 -4.83 28.48 14.85
CA VAL B 298 -5.75 28.57 13.73
C VAL B 298 -6.91 27.60 13.89
N GLY B 299 -6.64 26.45 14.50
CA GLY B 299 -7.69 25.47 14.72
C GLY B 299 -8.75 25.97 15.69
N ASN B 300 -8.32 26.56 16.79
CA ASN B 300 -9.25 27.09 17.78
C ASN B 300 -10.10 28.17 17.11
N TYR B 301 -9.46 29.03 16.33
CA TYR B 301 -10.13 30.10 15.61
C TYR B 301 -11.21 29.54 14.69
N PHE B 302 -10.82 28.55 13.89
CA PHE B 302 -11.74 27.94 12.94
C PHE B 302 -12.92 27.25 13.65
N LYS B 303 -12.67 26.64 14.81
CA LYS B 303 -13.75 25.97 15.53
C LYS B 303 -14.74 27.02 16.06
N GLU B 304 -14.20 28.14 16.54
CA GLU B 304 -15.03 29.22 17.07
C GLU B 304 -15.92 29.77 15.96
N LYS B 305 -15.33 30.02 14.79
CA LYS B 305 -16.07 30.56 13.66
C LYS B 305 -17.19 29.62 13.21
N LEU B 306 -16.95 28.32 13.30
CA LEU B 306 -17.95 27.34 12.90
C LEU B 306 -19.14 27.38 13.86
N LYS B 307 -18.87 27.55 15.15
CA LYS B 307 -19.93 27.61 16.15
C LYS B 307 -20.75 28.87 15.92
N GLU B 308 -20.10 29.94 15.49
CA GLU B 308 -20.76 31.21 15.22
C GLU B 308 -21.80 31.10 14.10
N LEU B 309 -21.66 30.07 13.27
CA LEU B 309 -22.58 29.87 12.16
C LEU B 309 -23.97 29.45 12.63
N GLY B 310 -24.04 28.90 13.84
CA GLY B 310 -25.31 28.47 14.37
C GLY B 310 -26.06 27.59 13.38
N LYS B 311 -25.35 26.64 12.78
CA LYS B 311 -25.95 25.75 11.79
C LYS B 311 -25.76 24.28 12.14
N GLY B 312 -25.40 24.00 13.40
CA GLY B 312 -25.20 22.62 13.82
C GLY B 312 -24.13 22.46 14.87
N LYS B 313 -23.96 21.23 15.36
CA LYS B 313 -22.95 20.92 16.36
C LYS B 313 -21.57 20.86 15.73
N VAL B 314 -20.60 21.52 16.35
CA VAL B 314 -19.22 21.54 15.86
C VAL B 314 -18.45 20.46 16.60
N LYS B 315 -17.77 19.60 15.86
CA LYS B 315 -17.03 18.49 16.44
C LYS B 315 -15.55 18.49 16.06
N GLY B 316 -14.74 17.78 16.86
CA GLY B 316 -13.32 17.68 16.57
C GLY B 316 -12.45 18.69 17.28
N ARG B 317 -11.18 18.71 16.92
CA ARG B 317 -10.23 19.65 17.49
C ARG B 317 -9.07 19.88 16.55
N GLY B 318 -8.31 20.94 16.78
CA GLY B 318 -7.20 21.25 15.90
C GLY B 318 -7.78 21.55 14.53
N LEU B 319 -7.23 20.92 13.50
CA LEU B 319 -7.72 21.12 12.14
C LEU B 319 -8.48 19.92 11.60
N MET B 320 -9.04 19.13 12.51
CA MET B 320 -9.86 17.98 12.13
C MET B 320 -11.19 18.34 12.75
N LEU B 321 -11.99 19.10 11.99
CA LEU B 321 -13.29 19.58 12.48
C LEU B 321 -14.48 19.11 11.66
N GLY B 322 -15.64 19.13 12.30
CA GLY B 322 -16.86 18.72 11.64
C GLY B 322 -18.03 19.62 12.01
N LEU B 323 -19.01 19.66 11.12
CA LEU B 323 -20.21 20.45 11.34
C LEU B 323 -21.39 19.51 11.08
N GLU B 324 -22.00 19.05 12.16
CA GLU B 324 -23.14 18.13 12.05
C GLU B 324 -24.40 18.88 11.68
N LEU B 325 -24.90 18.62 10.47
CA LEU B 325 -26.11 19.28 9.97
C LEU B 325 -27.36 18.45 10.24
N GLU B 326 -28.51 19.16 10.18
CA GLU B 326 -29.80 18.50 10.36
C GLU B 326 -30.21 17.72 9.11
N ARG B 327 -29.66 18.17 7.96
CA ARG B 327 -29.96 17.51 6.69
C ARG B 327 -28.72 16.83 6.11
N GLU B 328 -28.92 16.00 5.09
CA GLU B 328 -27.81 15.33 4.43
C GLU B 328 -26.93 16.44 3.87
N CYS B 329 -25.62 16.30 3.98
CA CYS B 329 -24.71 17.33 3.47
C CYS B 329 -24.20 17.17 2.05
N LYS B 330 -24.58 16.09 1.39
CA LYS B 330 -24.13 15.83 0.03
C LYS B 330 -24.30 16.99 -0.96
N ASP B 331 -25.45 17.66 -0.91
CA ASP B 331 -25.72 18.76 -1.82
C ASP B 331 -24.91 20.02 -1.51
N TYR B 332 -24.61 20.24 -0.23
CA TYR B 332 -23.83 21.41 0.17
C TYR B 332 -22.42 21.32 -0.38
N VAL B 333 -21.91 20.10 -0.55
CA VAL B 333 -20.57 19.91 -1.09
C VAL B 333 -20.53 20.46 -2.52
N LEU B 334 -21.58 20.20 -3.28
CA LEU B 334 -21.65 20.68 -4.65
C LEU B 334 -21.78 22.20 -4.70
N LYS B 335 -22.60 22.75 -3.83
CA LYS B 335 -22.79 24.20 -3.80
C LYS B 335 -21.49 24.90 -3.42
N ALA B 336 -20.74 24.31 -2.48
CA ALA B 336 -19.48 24.91 -2.06
C ALA B 336 -18.50 24.83 -3.23
N LEU B 337 -18.50 23.72 -3.95
CA LEU B 337 -17.60 23.53 -5.09
C LEU B 337 -17.81 24.62 -6.13
N GLU B 338 -19.06 24.90 -6.48
CA GLU B 338 -19.36 25.94 -7.46
C GLU B 338 -18.79 27.29 -6.99
N LYS B 339 -18.77 27.48 -5.68
CA LYS B 339 -18.26 28.72 -5.11
C LYS B 339 -16.76 28.72 -4.87
N GLY B 340 -16.07 27.71 -5.40
CA GLY B 340 -14.63 27.63 -5.25
C GLY B 340 -14.11 27.15 -3.90
N LEU B 341 -14.94 26.41 -3.17
CA LEU B 341 -14.53 25.87 -1.88
C LEU B 341 -14.68 24.35 -1.89
N LEU B 342 -13.63 23.66 -1.46
CA LEU B 342 -13.65 22.20 -1.42
C LEU B 342 -13.93 21.72 0.00
N ILE B 343 -15.05 21.06 0.19
CA ILE B 343 -15.40 20.51 1.49
C ILE B 343 -15.84 19.07 1.30
N ASN B 344 -15.98 18.35 2.40
CA ASN B 344 -16.34 16.93 2.34
C ASN B 344 -17.56 16.61 3.21
N CYS B 345 -18.33 15.61 2.78
CA CYS B 345 -19.51 15.20 3.51
C CYS B 345 -19.38 13.72 3.85
N THR B 346 -19.45 13.41 5.14
CA THR B 346 -19.32 12.03 5.58
C THR B 346 -20.39 11.72 6.61
N ALA B 347 -20.63 10.44 6.85
CA ALA B 347 -21.64 10.02 7.82
C ALA B 347 -23.00 10.61 7.49
N GLY B 348 -23.25 10.87 6.21
CA GLY B 348 -24.53 11.41 5.80
C GLY B 348 -24.80 12.89 6.00
N LYS B 349 -24.62 13.39 7.23
CA LYS B 349 -24.88 14.81 7.48
C LYS B 349 -23.80 15.55 8.24
N VAL B 350 -22.56 15.08 8.14
CA VAL B 350 -21.45 15.75 8.81
C VAL B 350 -20.48 16.30 7.77
N LEU B 351 -20.29 17.61 7.77
CA LEU B 351 -19.35 18.22 6.85
C LEU B 351 -17.99 18.05 7.52
N ARG B 352 -17.05 17.43 6.82
CA ARG B 352 -15.73 17.22 7.38
C ARG B 352 -14.74 18.21 6.78
N PHE B 353 -14.03 18.92 7.65
CA PHE B 353 -13.06 19.92 7.22
C PHE B 353 -11.66 19.42 7.55
N LEU B 354 -10.81 19.33 6.53
CA LEU B 354 -9.44 18.87 6.69
C LEU B 354 -8.52 19.74 5.83
N PRO B 355 -8.41 21.03 6.17
CA PRO B 355 -7.56 21.92 5.38
C PRO B 355 -6.08 21.62 5.64
N PRO B 356 -5.19 22.06 4.75
CA PRO B 356 -3.76 21.83 4.94
C PRO B 356 -3.36 22.45 6.28
N LEU B 357 -2.33 21.91 6.93
CA LEU B 357 -1.91 22.44 8.21
C LEU B 357 -1.30 23.86 8.13
N ILE B 358 -1.01 24.32 6.92
CA ILE B 358 -0.45 25.64 6.73
C ILE B 358 -1.53 26.70 6.54
N ILE B 359 -2.79 26.29 6.71
CA ILE B 359 -3.93 27.18 6.54
C ILE B 359 -3.83 28.39 7.48
N GLN B 360 -4.29 29.56 7.01
CA GLN B 360 -4.25 30.79 7.79
C GLN B 360 -5.65 31.30 8.10
N LYS B 361 -5.76 32.17 9.09
CA LYS B 361 -7.05 32.74 9.48
C LYS B 361 -7.78 33.41 8.33
N GLU B 362 -7.02 34.06 7.45
CA GLU B 362 -7.61 34.74 6.30
C GLU B 362 -8.32 33.72 5.40
N HIS B 363 -7.70 32.55 5.22
CA HIS B 363 -8.29 31.50 4.40
C HIS B 363 -9.52 30.94 5.12
N ILE B 364 -9.43 30.90 6.44
CA ILE B 364 -10.53 30.41 7.27
C ILE B 364 -11.75 31.28 7.03
N ASP B 365 -11.57 32.60 7.15
CA ASP B 365 -12.68 33.54 6.95
C ASP B 365 -13.29 33.37 5.57
N ARG B 366 -12.44 33.10 4.58
CA ARG B 366 -12.92 32.91 3.22
C ARG B 366 -13.83 31.68 3.15
N ALA B 367 -13.42 30.60 3.81
CA ALA B 367 -14.20 29.37 3.83
C ALA B 367 -15.52 29.56 4.61
N ILE B 368 -15.42 30.17 5.80
CA ILE B 368 -16.59 30.42 6.63
C ILE B 368 -17.59 31.27 5.85
N SER B 369 -17.06 32.20 5.07
CA SER B 369 -17.89 33.08 4.28
C SER B 369 -18.78 32.27 3.34
N VAL B 370 -18.16 31.33 2.62
CA VAL B 370 -18.92 30.49 1.70
C VAL B 370 -19.96 29.65 2.45
N LEU B 371 -19.57 29.07 3.58
CA LEU B 371 -20.48 28.26 4.36
C LEU B 371 -21.72 29.05 4.77
N ARG B 372 -21.51 30.27 5.23
CA ARG B 372 -22.62 31.13 5.64
C ARG B 372 -23.57 31.37 4.46
N GLU B 373 -23.01 31.41 3.26
CA GLU B 373 -23.80 31.62 2.06
C GLU B 373 -24.62 30.41 1.61
N ILE B 374 -24.14 29.21 1.91
CA ILE B 374 -24.82 28.00 1.48
C ILE B 374 -25.63 27.23 2.51
N LEU B 375 -25.35 27.44 3.79
CA LEU B 375 -26.07 26.73 4.84
C LEU B 375 -27.33 27.46 5.30
#